data_7G7S
#
_entry.id   7G7S
#
_cell.length_a   84.128
_cell.length_b   91.810
_cell.length_c   119.923
_cell.angle_alpha   90.000
_cell.angle_beta   90.000
_cell.angle_gamma   90.000
#
_symmetry.space_group_name_H-M   'P 21 21 21'
#
loop_
_entity.id
_entity.type
_entity.pdbx_description
1 polymer 'Isoform 2 of Ectonucleotide pyrophosphatase/phosphodiesterase family member 2'
2 branched alpha-D-mannopyranose-(1-2)-alpha-D-mannopyranose-(1-3)-alpha-D-mannopyranose-(1-6)-[alpha-D-mannopyranose-(1-2)-alpha-D-mannopyranose-(1-3)]beta-D-mannopyranose-(1-4)-2-acetamido-2-deoxy-beta-D-glucopyranose-(1-4)-2-acetamido-2-deoxy-beta-D-glucopyranose
3 non-polymer 4-methyl-5-({2-[(5-methyl-2H-tetrazol-2-yl)methyl]-4-(trifluoromethyl)phenoxy}methyl)-2,4-dihydro-3H-1,2,4-triazol-3-one
4 non-polymer 'CHLORIDE ION'
5 non-polymer 'ACETATE ION'
6 non-polymer 'POTASSIUM ION'
7 non-polymer 'ZINC ION'
8 non-polymer 'SODIUM ION'
9 non-polymer 'CALCIUM ION'
10 water water
#
_entity_poly.entity_id   1
_entity_poly.type   'polypeptide(L)'
_entity_poly.pdbx_seq_one_letter_code
;FTASRIKRAEWDEGPPTVLSDSPWTATSGSCKGRCFELQEVGPPDCRCDNLCKSYSSCCHDFDELCLKTARGWECTKDRC
GEVRNEENACHCSEDCLSRGDCCTNYQVVCKGESHWVDDDCEEIKVPECPAGFVRPPLIIFSVDGFRASYMKKGSKVMPN
IEKLRSCGTHAPYMRPVYPTKTFPNLYTLATGLYPESHGIVGNSMYDPVFDASFHLRGREKFNHRWWGGQPLWITATKQG
VRAGTFFWSVSIPHERRILTILQWLSLPDNERPSVYAFYSEQPDFSGHKYGPFGPEMTNPLREIDKTVGQLMDGLKQLRL
HRCVNVIFVGDHGMEDVTCDRTEFLSNYLTNVDDITLVPGTLGRIRAKSINNSKYDPKTIIAALTCKKPDQHFKPYMKQH
LPKRLHYANNRRIEDIHLLVDRRWHVARKPLDVYKKPSGKCFFQGDHGFDNKVNSMQTVFVGYGPTFKYRTKVPPFENIE
LYNVMCDLLGLKPAPNNGTHGSLNHLLRTNTFRPTMPDEVSRPNYPGIMYLQSEFDLGCTCDDKVEPKNKLEELNKRLHT
KGSTKERHLLYGRPAVLYRTSYDILYHTDFESGYSEIFLMPLWTSYTISKQAEVSSIPEHLTNCVRPDVRVSPGFSQNCL
AYKNDKQMSYGFLFPPYLSSSPEAKYDAFLVTNMVPMYPAFKRVWAYFQRVLVKKYASERNGVNVISGPIFDYNYDGLRD
TEDEIKQYVEGSSIPVPTHYYSIITSCLDFTQPADKCDGPLSVSSFILPHRPDNDESCNSSEDESKWVEELMKMHTARVR
DIEHLTGLDFYRKTSRSYSEILTLKTYLHTYESEIGGRHHHHHHHH
;
_entity_poly.pdbx_strand_id   A
#
loop_
_chem_comp.id
_chem_comp.type
_chem_comp.name
_chem_comp.formula
ACT non-polymer 'ACETATE ION' 'C2 H3 O2 -1'
BMA D-saccharide, beta linking beta-D-mannopyranose 'C6 H12 O6'
CA non-polymer 'CALCIUM ION' 'Ca 2'
CL non-polymer 'CHLORIDE ION' 'Cl -1'
K non-polymer 'POTASSIUM ION' 'K 1'
MAN D-saccharide, alpha linking alpha-D-mannopyranose 'C6 H12 O6'
NA non-polymer 'SODIUM ION' 'Na 1'
NAG D-saccharide, beta linking 2-acetamido-2-deoxy-beta-D-glucopyranose 'C8 H15 N O6'
Y2L non-polymer 4-methyl-5-({2-[(5-methyl-2H-tetrazol-2-yl)methyl]-4-(trifluoromethyl)phenoxy}methyl)-2,4-dihydro-3H-1,2,4-triazol-3-one 'C14 H14 F3 N7 O2'
ZN non-polymer 'ZINC ION' 'Zn 2'
#
# COMPACT_ATOMS: atom_id res chain seq x y z
N TRP A 24 40.10 7.60 -3.53
CA TRP A 24 41.02 8.04 -4.61
C TRP A 24 40.77 7.32 -5.93
N THR A 25 40.70 8.11 -7.00
CA THR A 25 40.59 7.61 -8.37
C THR A 25 41.69 8.28 -9.24
N ALA A 26 42.51 7.44 -9.89
CA ALA A 26 43.48 7.90 -10.88
C ALA A 26 42.75 8.29 -12.19
N THR A 27 42.12 9.48 -12.17
CA THR A 27 41.15 9.90 -13.22
C THR A 27 41.77 10.28 -14.59
N SER A 28 43.00 9.84 -14.82
CA SER A 28 43.72 10.07 -16.07
C SER A 28 43.67 8.89 -17.08
N GLY A 29 42.57 8.11 -17.04
CA GLY A 29 42.14 7.28 -18.17
C GLY A 29 41.16 8.10 -19.00
N SER A 30 40.65 7.53 -20.09
CA SER A 30 39.78 8.26 -21.05
C SER A 30 38.38 7.67 -21.24
N CYS A 31 37.41 8.54 -21.59
CA CYS A 31 36.05 8.09 -21.90
C CYS A 31 35.79 7.85 -23.36
N LYS A 32 36.84 7.93 -24.20
CA LYS A 32 36.69 7.73 -25.66
C LYS A 32 36.12 6.34 -25.96
N GLY A 33 35.00 6.33 -26.68
CA GLY A 33 34.23 5.09 -26.92
C GLY A 33 33.46 4.49 -25.74
N ARG A 34 33.65 5.02 -24.51
CA ARG A 34 33.02 4.48 -23.27
C ARG A 34 31.83 5.30 -22.73
N CYS A 35 31.32 6.27 -23.49
CA CYS A 35 30.37 7.26 -22.93
C CYS A 35 29.09 6.53 -22.49
N PHE A 36 28.76 6.59 -21.19
CA PHE A 36 27.57 5.91 -20.63
C PHE A 36 27.63 4.38 -20.78
N GLU A 37 28.84 3.86 -20.63
CA GLU A 37 29.10 2.43 -20.48
C GLU A 37 28.15 1.82 -19.44
N LEU A 38 27.66 0.63 -19.75
CA LEU A 38 26.66 -0.05 -18.93
C LEU A 38 27.20 -0.77 -17.69
N GLN A 39 28.37 -1.38 -17.80
CA GLN A 39 29.04 -2.03 -16.67
C GLN A 39 29.97 -1.04 -15.99
N GLU A 40 29.82 -0.94 -14.67
CA GLU A 40 30.57 0.00 -13.86
C GLU A 40 31.94 -0.61 -13.53
N VAL A 41 33.03 0.05 -13.97
CA VAL A 41 34.39 -0.42 -13.63
C VAL A 41 34.91 0.16 -12.31
N GLY A 42 35.64 -0.68 -11.57
CA GLY A 42 35.99 -0.45 -10.16
C GLY A 42 37.24 0.36 -9.96
N PRO A 43 37.14 1.47 -9.19
CA PRO A 43 38.27 2.28 -8.67
C PRO A 43 39.55 1.47 -8.25
N PRO A 44 40.76 2.07 -8.33
CA PRO A 44 41.02 3.41 -8.92
C PRO A 44 41.32 3.47 -10.46
N ASP A 45 40.48 2.81 -11.26
CA ASP A 45 40.34 3.13 -12.70
C ASP A 45 39.16 4.10 -12.79
N CYS A 46 39.23 5.08 -13.70
CA CYS A 46 38.18 6.09 -13.81
C CYS A 46 36.93 5.60 -14.54
N ARG A 47 35.80 6.26 -14.26
CA ARG A 47 34.49 5.82 -14.74
C ARG A 47 33.91 6.77 -15.79
N CYS A 48 33.10 6.19 -16.68
CA CYS A 48 32.39 6.89 -17.76
C CYS A 48 30.89 6.52 -17.79
N ASP A 49 30.46 5.72 -16.81
CA ASP A 49 29.04 5.38 -16.64
C ASP A 49 28.33 6.60 -16.07
N ASN A 50 27.01 6.53 -16.08
CA ASN A 50 26.18 7.62 -15.60
C ASN A 50 26.64 8.16 -14.24
N LEU A 51 26.67 7.26 -13.26
CA LEU A 51 26.84 7.62 -11.85
C LEU A 51 28.16 8.29 -11.45
N CYS A 52 29.14 8.30 -12.35
CA CYS A 52 30.49 8.80 -12.03
C CYS A 52 30.51 10.21 -11.39
N LYS A 53 29.68 11.12 -11.92
CA LYS A 53 29.54 12.48 -11.37
C LYS A 53 29.30 12.46 -9.85
N SER A 54 28.40 11.57 -9.42
CA SER A 54 27.95 11.45 -8.03
C SER A 54 28.99 10.83 -7.06
N TYR A 55 30.05 10.27 -7.62
CA TYR A 55 31.11 9.59 -6.86
C TYR A 55 32.47 10.33 -6.90
N SER A 56 32.52 11.50 -7.56
CA SER A 56 33.78 12.22 -7.89
C SER A 56 34.79 11.33 -8.64
N SER A 57 34.33 10.61 -9.66
CA SER A 57 35.16 9.58 -10.30
C SER A 57 35.12 9.49 -11.84
N CYS A 58 34.54 10.50 -12.48
CA CYS A 58 34.55 10.59 -13.95
C CYS A 58 35.98 10.84 -14.45
N CYS A 59 36.35 10.21 -15.57
CA CYS A 59 37.60 10.49 -16.28
C CYS A 59 37.65 11.96 -16.70
N HIS A 60 38.88 12.46 -16.87
CA HIS A 60 39.14 13.86 -17.20
C HIS A 60 38.24 14.40 -18.32
N ASP A 61 38.01 13.58 -19.35
CA ASP A 61 37.33 14.00 -20.59
C ASP A 61 35.83 13.67 -20.64
N PHE A 62 35.28 13.23 -19.50
CA PHE A 62 33.86 12.87 -19.43
C PHE A 62 32.92 13.96 -19.92
N ASP A 63 33.04 15.18 -19.36
CA ASP A 63 32.22 16.32 -19.81
C ASP A 63 32.35 16.57 -21.31
N GLU A 64 33.59 16.58 -21.78
CA GLU A 64 33.92 16.93 -23.16
C GLU A 64 33.32 15.90 -24.12
N LEU A 65 33.59 14.64 -23.84
CA LEU A 65 33.17 13.55 -24.71
C LEU A 65 31.72 13.14 -24.56
N CYS A 66 31.28 12.95 -23.30
CA CYS A 66 29.97 12.39 -22.97
C CYS A 66 28.85 13.39 -22.74
N LEU A 67 29.18 14.64 -22.37
CA LEU A 67 28.16 15.63 -22.08
C LEU A 67 28.12 16.80 -23.08
N LYS A 68 28.21 16.44 -24.36
CA LYS A 68 28.15 17.38 -25.48
C LYS A 68 26.88 18.19 -25.49
N THR A 69 26.98 19.46 -25.84
CA THR A 69 25.83 20.37 -25.81
C THR A 69 25.74 21.27 -27.03
N ALA A 70 26.83 21.31 -27.80
CA ALA A 70 26.95 22.14 -28.99
C ALA A 70 25.74 22.00 -29.90
N ARG A 71 25.15 23.16 -30.21
CA ARG A 71 24.00 23.34 -31.12
C ARG A 71 22.65 22.94 -30.50
N GLY A 72 22.65 22.56 -29.22
CA GLY A 72 21.40 22.25 -28.49
C GLY A 72 20.80 20.89 -28.83
N TRP A 73 19.46 20.77 -28.76
CA TRP A 73 18.81 19.46 -28.76
C TRP A 73 17.87 19.17 -29.92
N GLU A 74 17.73 20.13 -30.84
CA GLU A 74 16.81 19.96 -31.96
C GLU A 74 17.45 20.20 -33.32
N CYS A 75 17.09 19.36 -34.29
CA CYS A 75 17.44 19.63 -35.67
C CYS A 75 16.64 20.83 -36.16
N THR A 76 17.31 21.68 -36.93
CA THR A 76 16.66 22.77 -37.68
C THR A 76 16.86 22.48 -39.17
N LYS A 77 16.06 23.12 -40.01
CA LYS A 77 16.03 22.91 -41.47
C LYS A 77 17.40 22.99 -42.15
N ASP A 78 18.19 23.98 -41.75
CA ASP A 78 19.56 24.18 -42.26
C ASP A 78 20.54 23.03 -41.92
N ARG A 79 20.31 22.35 -40.80
CA ARG A 79 21.16 21.25 -40.37
C ARG A 79 20.92 19.95 -41.15
N CYS A 80 19.81 19.89 -41.89
CA CYS A 80 19.39 18.67 -42.57
C CYS A 80 20.44 18.17 -43.57
N GLY A 81 20.81 16.91 -43.43
CA GLY A 81 21.86 16.27 -44.23
C GLY A 81 23.28 16.85 -44.09
N GLU A 82 23.54 17.56 -42.98
CA GLU A 82 24.83 18.21 -42.69
C GLU A 82 26.00 17.23 -42.69
N VAL A 83 27.21 17.79 -42.67
CA VAL A 83 28.43 16.99 -42.51
C VAL A 83 28.51 16.71 -41.01
N ARG A 84 28.60 15.42 -40.68
CA ARG A 84 28.74 14.97 -39.29
C ARG A 84 29.84 15.74 -38.56
N ASN A 85 29.44 16.46 -37.52
CA ASN A 85 30.33 17.12 -36.61
C ASN A 85 30.19 16.44 -35.25
N GLU A 86 31.20 15.63 -34.89
CA GLU A 86 31.16 14.84 -33.65
C GLU A 86 30.98 15.66 -32.37
N GLU A 87 31.36 16.93 -32.40
CA GLU A 87 31.16 17.88 -31.28
C GLU A 87 29.69 18.17 -30.90
N ASN A 88 28.76 17.98 -31.83
CA ASN A 88 27.35 18.31 -31.61
C ASN A 88 26.69 17.40 -30.57
N ALA A 89 25.67 17.95 -29.89
CA ALA A 89 24.93 17.21 -28.86
C ALA A 89 24.19 16.04 -29.51
N CYS A 90 23.59 16.30 -30.65
CA CYS A 90 22.90 15.28 -31.44
C CYS A 90 23.01 15.67 -32.91
N HIS A 91 22.64 14.78 -33.82
CA HIS A 91 23.05 14.92 -35.21
C HIS A 91 21.89 14.97 -36.16
N CYS A 92 22.11 15.63 -37.29
CA CYS A 92 21.08 15.80 -38.31
C CYS A 92 21.62 15.36 -39.67
N SER A 93 22.82 14.80 -39.61
CA SER A 93 23.52 14.18 -40.74
C SER A 93 22.78 12.93 -41.20
N GLU A 94 23.08 12.49 -42.42
CA GLU A 94 22.41 11.36 -43.07
C GLU A 94 22.61 10.02 -42.40
N ASP A 95 23.78 9.85 -41.79
CA ASP A 95 24.17 8.58 -41.19
C ASP A 95 23.69 8.44 -39.74
N CYS A 96 22.93 9.42 -39.23
CA CYS A 96 22.62 9.46 -37.79
C CYS A 96 21.71 8.30 -37.37
N LEU A 97 20.72 7.97 -38.20
CA LEU A 97 19.80 6.85 -37.92
C LEU A 97 20.56 5.56 -37.61
N SER A 98 21.46 5.15 -38.52
CA SER A 98 22.30 3.94 -38.35
C SER A 98 23.35 4.07 -37.24
N ARG A 99 23.78 5.30 -36.94
CA ARG A 99 24.62 5.58 -35.76
C ARG A 99 23.80 5.60 -34.45
N GLY A 100 22.46 5.69 -34.55
CA GLY A 100 21.56 5.79 -33.37
C GLY A 100 21.69 7.08 -32.53
N ASP A 101 22.09 8.18 -33.15
CA ASP A 101 22.39 9.41 -32.41
C ASP A 101 21.83 10.70 -33.04
N CYS A 102 20.77 10.58 -33.83
CA CYS A 102 20.00 11.73 -34.32
C CYS A 102 19.36 12.49 -33.16
N CYS A 103 19.17 13.79 -33.33
CA CYS A 103 18.21 14.53 -32.49
C CYS A 103 16.86 13.85 -32.65
N THR A 104 16.05 13.93 -31.60
CA THR A 104 14.81 13.17 -31.54
C THR A 104 13.82 13.66 -32.58
N ASN A 105 13.98 14.92 -33.02
CA ASN A 105 13.09 15.50 -34.04
C ASN A 105 13.63 15.45 -35.49
N TYR A 106 14.73 14.72 -35.69
CA TYR A 106 15.38 14.57 -37.01
C TYR A 106 14.45 14.27 -38.17
N GLN A 107 13.71 13.18 -38.08
CA GLN A 107 12.80 12.76 -39.17
CA GLN A 107 12.84 12.78 -39.19
C GLN A 107 11.66 13.75 -39.37
N VAL A 108 11.31 14.48 -38.30
CA VAL A 108 10.22 15.45 -38.41
C VAL A 108 10.67 16.68 -39.25
N VAL A 109 11.82 17.23 -38.91
CA VAL A 109 12.34 18.42 -39.58
C VAL A 109 12.87 18.08 -41.00
N CYS A 110 13.67 17.02 -41.10
CA CYS A 110 14.43 16.65 -42.29
C CYS A 110 13.83 15.54 -43.19
N LYS A 111 12.82 14.82 -42.72
CA LYS A 111 12.23 13.79 -43.56
C LYS A 111 10.72 13.94 -43.73
N GLY A 112 10.19 15.11 -43.36
CA GLY A 112 8.76 15.40 -43.42
C GLY A 112 7.85 14.48 -42.59
N GLU A 113 8.41 13.84 -41.57
CA GLU A 113 7.60 12.99 -40.67
C GLU A 113 6.82 13.83 -39.64
N SER A 114 5.75 13.24 -39.11
CA SER A 114 4.95 13.84 -38.02
C SER A 114 5.47 13.46 -36.62
N HIS A 115 5.22 14.33 -35.62
CA HIS A 115 5.51 14.01 -34.22
C HIS A 115 4.58 12.88 -33.81
N TRP A 116 5.07 11.99 -32.95
CA TRP A 116 4.27 10.88 -32.40
C TRP A 116 2.93 11.40 -31.86
N VAL A 117 2.93 12.55 -31.17
CA VAL A 117 1.70 13.10 -30.57
C VAL A 117 0.64 13.51 -31.60
N ASP A 118 1.05 13.85 -32.82
CA ASP A 118 0.08 14.25 -33.87
C ASP A 118 -0.58 13.08 -34.61
N ASP A 119 -0.02 11.88 -34.45
CA ASP A 119 -0.56 10.67 -35.05
C ASP A 119 -1.75 10.21 -34.24
N ASP A 120 -2.78 9.76 -34.94
CA ASP A 120 -3.93 9.09 -34.37
C ASP A 120 -3.46 7.93 -33.51
N CYS A 121 -4.21 7.59 -32.48
CA CYS A 121 -3.83 6.36 -31.87
CA CYS A 121 -4.00 6.38 -31.68
C CYS A 121 -4.48 5.16 -32.48
N GLU A 122 -3.69 4.10 -32.55
CA GLU A 122 -4.08 2.89 -33.22
C GLU A 122 -3.67 1.82 -32.27
N GLU A 123 -4.60 0.90 -32.03
CA GLU A 123 -4.40 -0.23 -31.15
C GLU A 123 -3.13 -1.01 -31.49
N ILE A 124 -2.37 -1.41 -30.49
CA ILE A 124 -1.16 -2.18 -30.67
C ILE A 124 -1.54 -3.59 -30.22
N LYS A 125 -2.00 -4.39 -31.17
CA LYS A 125 -2.47 -5.73 -30.88
C LYS A 125 -1.32 -6.67 -30.61
N VAL A 126 -0.18 -6.50 -31.29
CA VAL A 126 0.97 -7.39 -31.14
C VAL A 126 2.20 -6.49 -31.13
N PRO A 127 3.31 -6.94 -30.49
CA PRO A 127 4.52 -6.11 -30.60
C PRO A 127 5.01 -6.05 -32.04
N GLU A 128 5.29 -4.85 -32.51
CA GLU A 128 5.84 -4.62 -33.86
C GLU A 128 7.27 -4.13 -33.65
N CYS A 129 8.20 -5.07 -33.60
CA CYS A 129 9.58 -4.83 -33.20
C CYS A 129 10.55 -5.16 -34.36
N PRO A 130 11.68 -4.42 -34.46
CA PRO A 130 12.82 -4.74 -35.36
C PRO A 130 13.36 -6.13 -35.12
N ALA A 131 13.95 -6.74 -36.17
CA ALA A 131 14.54 -8.07 -36.04
C ALA A 131 15.65 -8.08 -35.01
N GLY A 132 15.70 -9.18 -34.25
CA GLY A 132 16.69 -9.31 -33.19
C GLY A 132 16.17 -8.90 -31.81
N PHE A 133 15.00 -8.26 -31.76
CA PHE A 133 14.34 -8.00 -30.49
C PHE A 133 13.63 -9.25 -29.94
N VAL A 134 14.19 -9.84 -28.87
CA VAL A 134 13.63 -11.05 -28.22
C VAL A 134 12.32 -10.87 -27.40
N ARG A 135 12.02 -9.63 -27.03
CA ARG A 135 10.90 -9.29 -26.14
C ARG A 135 10.72 -7.78 -26.24
N PRO A 136 9.47 -7.29 -26.10
CA PRO A 136 9.34 -5.82 -26.07
C PRO A 136 10.14 -5.19 -24.86
N PRO A 137 10.95 -4.15 -25.13
CA PRO A 137 11.63 -3.47 -23.99
C PRO A 137 10.63 -2.76 -23.08
N LEU A 138 11.00 -2.55 -21.80
CA LEU A 138 10.21 -1.77 -20.85
C LEU A 138 10.96 -0.48 -20.55
N ILE A 139 10.27 0.66 -20.68
CA ILE A 139 10.81 1.95 -20.28
C ILE A 139 9.92 2.54 -19.19
N ILE A 140 10.53 2.78 -18.04
CA ILE A 140 9.88 3.39 -16.90
C ILE A 140 10.19 4.90 -16.90
N PHE A 141 9.16 5.73 -17.10
CA PHE A 141 9.37 7.17 -17.14
C PHE A 141 8.85 7.65 -15.78
N SER A 142 9.75 7.86 -14.82
CA SER A 142 9.31 8.21 -13.48
C SER A 142 9.39 9.70 -13.18
N VAL A 143 8.33 10.22 -12.58
CA VAL A 143 8.27 11.67 -12.28
C VAL A 143 8.06 11.93 -10.78
N ASP A 144 8.95 12.74 -10.19
CA ASP A 144 8.91 13.10 -8.77
C ASP A 144 7.84 14.16 -8.50
N GLY A 145 6.97 13.89 -7.54
CA GLY A 145 6.00 14.89 -7.08
C GLY A 145 4.81 15.08 -7.97
N PHE A 146 4.56 14.14 -8.89
CA PHE A 146 3.53 14.28 -9.87
C PHE A 146 2.19 13.85 -9.24
N ARG A 147 1.51 14.80 -8.68
CA ARG A 147 0.21 14.60 -8.07
C ARG A 147 -0.84 14.11 -9.07
N ALA A 148 -1.70 13.18 -8.63
CA ALA A 148 -2.66 12.54 -9.49
C ALA A 148 -3.53 13.54 -10.24
N SER A 149 -3.96 14.63 -9.59
CA SER A 149 -4.89 15.55 -10.29
C SER A 149 -4.27 16.41 -11.38
N TYR A 150 -2.94 16.44 -11.48
CA TYR A 150 -2.29 17.08 -12.63
C TYR A 150 -2.75 16.50 -13.95
N MET A 151 -3.15 15.22 -13.96
CA MET A 151 -3.59 14.59 -15.22
C MET A 151 -4.81 15.30 -15.82
N LYS A 152 -5.75 15.70 -14.97
CA LYS A 152 -6.92 16.43 -15.44
C LYS A 152 -6.57 17.93 -15.48
N LYS A 153 -5.97 18.43 -14.40
CA LYS A 153 -5.81 19.89 -14.26
C LYS A 153 -4.76 20.53 -15.16
N GLY A 154 -3.74 19.77 -15.54
CA GLY A 154 -2.73 20.25 -16.48
C GLY A 154 -2.88 19.68 -17.89
N SER A 155 -4.03 19.09 -18.18
CA SER A 155 -4.27 18.37 -19.44
C SER A 155 -4.02 19.20 -20.69
N LYS A 156 -4.27 20.52 -20.62
CA LYS A 156 -4.09 21.43 -21.77
C LYS A 156 -2.64 21.66 -22.15
N VAL A 157 -1.74 21.49 -21.20
CA VAL A 157 -0.35 21.73 -21.49
C VAL A 157 0.47 20.44 -21.56
N MET A 158 -0.19 19.28 -21.56
CA MET A 158 0.57 18.03 -21.55
C MET A 158 0.09 17.05 -22.65
N PRO A 159 0.12 17.46 -23.94
CA PRO A 159 -0.46 16.63 -25.02
C PRO A 159 0.12 15.19 -25.18
N ASN A 160 1.44 15.03 -25.05
CA ASN A 160 2.08 13.71 -25.18
C ASN A 160 1.63 12.75 -24.03
N ILE A 161 1.65 13.28 -22.81
CA ILE A 161 1.15 12.53 -21.64
C ILE A 161 -0.32 12.18 -21.77
N GLU A 162 -1.14 13.14 -22.24
CA GLU A 162 -2.56 12.88 -22.41
C GLU A 162 -2.83 11.83 -23.48
N LYS A 163 -1.98 11.78 -24.49
CA LYS A 163 -2.12 10.71 -25.50
C LYS A 163 -1.73 9.35 -24.90
N LEU A 164 -0.63 9.29 -24.19
CA LEU A 164 -0.28 8.03 -23.50
C LEU A 164 -1.45 7.56 -22.65
N ARG A 165 -1.99 8.51 -21.88
CA ARG A 165 -3.05 8.22 -20.92
C ARG A 165 -4.33 7.74 -21.59
N SER A 166 -4.82 8.44 -22.60
CA SER A 166 -6.12 8.04 -23.18
C SER A 166 -6.00 6.86 -24.14
N CYS A 167 -4.84 6.66 -24.76
CA CYS A 167 -4.69 5.55 -25.71
CA CYS A 167 -4.65 5.55 -25.72
C CYS A 167 -4.25 4.25 -25.01
N GLY A 168 -3.55 4.40 -23.88
CA GLY A 168 -3.05 3.26 -23.13
C GLY A 168 -4.00 2.81 -22.04
N THR A 169 -3.41 2.29 -20.95
CA THR A 169 -4.13 1.85 -19.77
C THR A 169 -3.81 2.85 -18.66
N HIS A 170 -4.81 3.36 -17.97
CA HIS A 170 -4.52 4.32 -16.87
C HIS A 170 -5.40 4.08 -15.65
N ALA A 171 -4.91 4.49 -14.48
CA ALA A 171 -5.74 4.51 -13.28
C ALA A 171 -5.99 5.98 -12.97
N PRO A 172 -7.12 6.28 -12.32
CA PRO A 172 -7.45 7.67 -11.90
C PRO A 172 -6.35 8.18 -10.97
N TYR A 173 -5.75 7.28 -10.19
CA TYR A 173 -4.58 7.60 -9.41
C TYR A 173 -3.95 6.33 -8.91
N MET A 174 -2.74 6.47 -8.41
CA MET A 174 -2.02 5.36 -7.78
C MET A 174 -1.66 5.76 -6.37
N ARG A 175 -1.93 4.86 -5.41
CA ARG A 175 -1.62 5.11 -4.00
C ARG A 175 -0.15 4.83 -3.70
N PRO A 176 0.55 5.87 -3.18
CA PRO A 176 1.95 5.64 -2.76
C PRO A 176 1.99 4.85 -1.46
N VAL A 177 3.18 4.53 -1.00
CA VAL A 177 3.36 4.00 0.36
C VAL A 177 3.64 5.11 1.37
N TYR A 178 3.46 4.79 2.66
CA TYR A 178 3.80 5.72 3.75
C TYR A 178 5.25 5.46 4.24
N PRO A 179 6.07 6.49 4.51
CA PRO A 179 5.74 7.90 4.30
C PRO A 179 5.83 8.28 2.84
N THR A 180 5.04 9.25 2.45
CA THR A 180 4.92 9.59 1.04
C THR A 180 6.09 10.54 0.66
N LYS A 181 7.30 10.08 0.97
CA LYS A 181 8.60 10.68 0.63
C LYS A 181 9.19 9.99 -0.64
N THR A 182 10.20 10.63 -1.23
CA THR A 182 10.77 10.23 -2.50
C THR A 182 11.48 8.89 -2.46
N PHE A 183 12.44 8.75 -1.55
CA PHE A 183 13.31 7.56 -1.54
C PHE A 183 12.54 6.29 -1.13
N PRO A 184 11.65 6.38 -0.09
CA PRO A 184 10.84 5.18 0.23
C PRO A 184 9.94 4.77 -0.91
N ASN A 185 9.31 5.72 -1.61
CA ASN A 185 8.46 5.36 -2.74
C ASN A 185 9.15 4.85 -3.99
N LEU A 186 10.29 5.45 -4.36
CA LEU A 186 11.00 4.93 -5.54
C LEU A 186 11.53 3.55 -5.25
N TYR A 187 12.08 3.33 -4.06
CA TYR A 187 12.57 1.99 -3.76
C TYR A 187 11.44 0.95 -3.62
N THR A 188 10.26 1.39 -3.15
CA THR A 188 9.05 0.52 -3.16
C THR A 188 8.64 0.15 -4.60
N LEU A 189 8.67 1.13 -5.52
CA LEU A 189 8.37 0.85 -6.92
C LEU A 189 9.33 -0.22 -7.47
N ALA A 190 10.60 -0.09 -7.13
CA ALA A 190 11.64 -0.98 -7.62
C ALA A 190 11.59 -2.40 -7.02
N THR A 191 11.01 -2.55 -5.81
CA THR A 191 11.10 -3.83 -5.07
C THR A 191 9.81 -4.55 -4.79
N GLY A 192 8.68 -3.84 -4.86
CA GLY A 192 7.38 -4.38 -4.43
C GLY A 192 7.26 -4.54 -2.91
N LEU A 193 8.18 -3.92 -2.17
CA LEU A 193 8.22 -4.05 -0.72
C LEU A 193 7.74 -2.81 0.02
N TYR A 194 7.09 -3.03 1.16
CA TYR A 194 6.87 -1.89 2.11
C TYR A 194 8.23 -1.31 2.61
N PRO A 195 8.34 0.02 2.79
CA PRO A 195 9.56 0.58 3.40
C PRO A 195 10.07 -0.16 4.64
N GLU A 196 9.17 -0.63 5.50
CA GLU A 196 9.59 -1.40 6.70
C GLU A 196 10.38 -2.66 6.33
N SER A 197 10.12 -3.22 5.14
CA SER A 197 10.84 -4.41 4.72
C SER A 197 12.08 -4.09 3.87
N HIS A 198 11.97 -3.14 2.97
CA HIS A 198 13.13 -2.73 2.17
C HIS A 198 14.18 -1.89 2.93
N GLY A 199 13.73 -1.21 3.98
CA GLY A 199 14.66 -0.51 4.89
C GLY A 199 14.86 0.95 4.64
N ILE A 200 14.33 1.46 3.52
CA ILE A 200 14.39 2.88 3.27
C ILE A 200 13.12 3.53 3.85
N VAL A 201 13.13 3.78 5.16
CA VAL A 201 11.91 4.11 5.94
C VAL A 201 11.61 5.62 5.97
N GLY A 202 12.56 6.39 5.42
CA GLY A 202 12.35 7.84 5.27
C GLY A 202 13.43 8.42 4.38
N ASN A 203 13.39 9.73 4.17
CA ASN A 203 14.51 10.41 3.50
C ASN A 203 15.73 10.60 4.43
N SER A 204 15.52 10.53 5.76
CA SER A 204 16.62 10.46 6.76
C SER A 204 16.39 9.35 7.80
N MET A 205 17.46 8.65 8.20
CA MET A 205 17.34 7.51 9.11
C MET A 205 18.56 7.26 10.00
N TYR A 206 18.32 6.69 11.18
CA TYR A 206 19.37 6.20 12.06
C TYR A 206 19.21 4.68 12.21
N ASP A 207 20.28 3.92 11.96
CA ASP A 207 20.26 2.49 12.23
C ASP A 207 21.15 2.17 13.46
N PRO A 208 20.50 1.87 14.59
CA PRO A 208 21.22 1.62 15.86
C PRO A 208 22.17 0.43 15.84
N VAL A 209 21.90 -0.60 15.02
CA VAL A 209 22.78 -1.78 14.90
C VAL A 209 24.07 -1.46 14.13
N PHE A 210 23.91 -0.75 13.02
CA PHE A 210 25.04 -0.17 12.29
C PHE A 210 25.72 0.88 13.17
N ASP A 211 24.94 1.53 14.04
CA ASP A 211 25.26 2.86 14.57
C ASP A 211 25.69 3.73 13.38
N ALA A 212 24.79 3.91 12.42
CA ALA A 212 25.08 4.83 11.31
C ALA A 212 23.83 5.62 10.92
N SER A 213 24.04 6.80 10.32
CA SER A 213 22.93 7.62 9.80
C SER A 213 22.91 7.75 8.26
N PHE A 214 21.70 7.77 7.69
CA PHE A 214 21.44 7.88 6.23
C PHE A 214 20.81 9.25 6.01
N HIS A 215 21.31 10.02 5.04
CA HIS A 215 20.79 11.35 4.69
C HIS A 215 20.74 11.52 3.14
N LEU A 216 19.89 12.44 2.68
CA LEU A 216 19.78 12.76 1.25
C LEU A 216 21.10 13.34 0.70
N ARG A 217 21.61 14.38 1.38
CA ARG A 217 22.98 14.87 1.19
C ARG A 217 23.99 13.88 1.78
N GLY A 218 25.07 13.60 1.04
CA GLY A 218 26.21 12.92 1.59
C GLY A 218 26.45 11.51 1.12
N ARG A 219 27.36 10.84 1.81
CA ARG A 219 27.99 9.63 1.30
C ARG A 219 27.47 8.28 1.84
N GLU A 220 26.95 8.25 3.07
CA GLU A 220 26.48 6.98 3.72
C GLU A 220 25.35 6.27 2.93
N LYS A 221 24.45 7.08 2.33
CA LYS A 221 23.42 6.59 1.40
C LYS A 221 23.90 5.65 0.27
N PHE A 222 25.18 5.72 -0.11
CA PHE A 222 25.80 4.89 -1.16
C PHE A 222 26.20 3.48 -0.71
N ASN A 223 26.20 3.26 0.61
CA ASN A 223 26.49 1.95 1.19
C ASN A 223 25.28 1.02 1.01
N HIS A 224 25.53 -0.13 0.38
CA HIS A 224 24.53 -1.15 0.04
C HIS A 224 23.73 -1.71 1.23
N ARG A 225 24.27 -1.63 2.43
CA ARG A 225 23.64 -2.22 3.64
C ARG A 225 22.35 -1.53 4.11
N TRP A 226 22.09 -0.33 3.59
CA TRP A 226 20.79 0.31 3.79
C TRP A 226 19.66 -0.30 2.97
N TRP A 227 20.03 -0.90 1.83
CA TRP A 227 19.09 -1.20 0.75
C TRP A 227 18.75 -2.67 0.73
N GLY A 228 17.58 -3.02 1.26
CA GLY A 228 17.19 -4.43 1.36
C GLY A 228 16.36 -4.81 0.14
N GLY A 229 15.81 -6.02 0.18
CA GLY A 229 15.01 -6.56 -0.94
C GLY A 229 15.80 -6.77 -2.20
N GLN A 230 15.12 -6.94 -3.33
CA GLN A 230 15.78 -7.14 -4.58
C GLN A 230 15.10 -6.26 -5.62
N PRO A 231 15.72 -5.13 -5.97
CA PRO A 231 15.12 -4.25 -6.97
C PRO A 231 15.11 -4.84 -8.38
N LEU A 232 14.23 -4.26 -9.21
CA LEU A 232 13.94 -4.78 -10.53
C LEU A 232 15.21 -5.03 -11.39
N TRP A 233 16.16 -4.09 -11.37
CA TRP A 233 17.39 -4.23 -12.16
C TRP A 233 18.22 -5.46 -11.74
N ILE A 234 18.16 -5.83 -10.47
CA ILE A 234 18.89 -6.99 -9.96
C ILE A 234 18.12 -8.25 -10.34
N THR A 235 16.79 -8.18 -10.25
CA THR A 235 15.96 -9.32 -10.66
C THR A 235 16.19 -9.63 -12.14
N ALA A 236 16.23 -8.59 -12.97
CA ALA A 236 16.47 -8.75 -14.39
C ALA A 236 17.86 -9.38 -14.60
N THR A 237 18.90 -8.78 -14.02
CA THR A 237 20.28 -9.22 -14.25
C THR A 237 20.47 -10.69 -13.87
N LYS A 238 20.06 -11.06 -12.64
CA LYS A 238 20.18 -12.44 -12.16
C LYS A 238 19.50 -13.44 -13.07
N GLN A 239 18.52 -12.98 -13.84
CA GLN A 239 17.73 -13.83 -14.72
C GLN A 239 18.09 -13.64 -16.20
N GLY A 240 19.21 -12.99 -16.46
CA GLY A 240 19.76 -12.90 -17.80
C GLY A 240 19.13 -11.83 -18.69
N VAL A 241 18.36 -10.93 -18.08
CA VAL A 241 17.79 -9.76 -18.75
C VAL A 241 18.64 -8.52 -18.41
N ARG A 242 19.15 -7.81 -19.42
CA ARG A 242 20.04 -6.65 -19.19
C ARG A 242 19.23 -5.41 -18.83
N ALA A 243 19.77 -4.60 -17.93
CA ALA A 243 19.11 -3.39 -17.47
C ALA A 243 19.97 -2.13 -17.69
N GLY A 244 19.34 -1.05 -18.20
CA GLY A 244 19.95 0.30 -18.17
C GLY A 244 20.02 0.79 -16.72
N THR A 245 20.63 1.93 -16.48
CA THR A 245 20.73 2.46 -15.11
C THR A 245 19.39 3.05 -14.66
N PHE A 246 19.08 2.91 -13.38
CA PHE A 246 17.87 3.55 -12.85
C PHE A 246 18.22 4.89 -12.18
N PHE A 247 19.48 5.06 -11.83
CA PHE A 247 19.88 6.24 -11.09
C PHE A 247 20.56 7.16 -12.09
N TRP A 248 20.07 8.40 -12.19
CA TRP A 248 20.72 9.42 -13.01
C TRP A 248 21.35 10.49 -12.11
N SER A 249 22.59 10.86 -12.40
CA SER A 249 23.24 12.02 -11.75
C SER A 249 22.47 13.28 -12.09
N VAL A 250 22.24 14.13 -11.08
CA VAL A 250 21.36 15.31 -11.18
C VAL A 250 21.85 16.33 -12.24
N SER A 251 23.16 16.40 -12.45
CA SER A 251 23.75 17.34 -13.41
C SER A 251 23.55 16.93 -14.88
N ILE A 252 23.25 15.65 -15.13
CA ILE A 252 22.95 15.19 -16.51
C ILE A 252 21.60 15.70 -16.95
N PRO A 253 21.57 16.57 -17.99
CA PRO A 253 20.25 17.10 -18.28
C PRO A 253 19.30 16.07 -18.91
N HIS A 254 18.02 16.37 -18.84
CA HIS A 254 16.96 15.45 -19.28
C HIS A 254 17.07 15.00 -20.73
N GLU A 255 17.46 15.93 -21.61
CA GLU A 255 17.58 15.66 -23.04
C GLU A 255 18.66 14.61 -23.31
N ARG A 256 19.73 14.68 -22.52
CA ARG A 256 20.83 13.76 -22.62
C ARG A 256 20.46 12.39 -22.01
N ARG A 257 19.62 12.35 -20.97
CA ARG A 257 19.16 11.05 -20.42
C ARG A 257 18.39 10.31 -21.51
N ILE A 258 17.47 11.02 -22.16
CA ILE A 258 16.68 10.49 -23.27
C ILE A 258 17.61 9.98 -24.40
N LEU A 259 18.55 10.83 -24.85
CA LEU A 259 19.43 10.42 -25.97
C LEU A 259 20.23 9.17 -25.59
N THR A 260 20.63 9.07 -24.32
CA THR A 260 21.40 7.91 -23.86
C THR A 260 20.54 6.63 -23.94
N ILE A 261 19.30 6.70 -23.45
CA ILE A 261 18.36 5.58 -23.56
C ILE A 261 18.20 5.19 -25.03
N LEU A 262 18.00 6.19 -25.88
CA LEU A 262 17.79 5.93 -27.30
C LEU A 262 19.04 5.28 -27.96
N GLN A 263 20.23 5.71 -27.54
CA GLN A 263 21.51 5.12 -27.98
C GLN A 263 21.65 3.65 -27.53
N TRP A 264 21.35 3.39 -26.24
CA TRP A 264 21.38 2.03 -25.71
C TRP A 264 20.46 1.12 -26.48
N LEU A 265 19.31 1.67 -26.88
CA LEU A 265 18.36 0.95 -27.70
C LEU A 265 18.89 0.60 -29.10
N SER A 266 19.97 1.25 -29.55
CA SER A 266 20.59 0.94 -30.82
C SER A 266 21.76 -0.04 -30.66
N LEU A 267 22.06 -0.48 -29.45
CA LEU A 267 23.13 -1.43 -29.25
C LEU A 267 22.84 -2.78 -29.97
N PRO A 268 23.89 -3.59 -30.21
CA PRO A 268 23.66 -4.95 -30.76
C PRO A 268 22.87 -5.80 -29.75
N ASP A 269 22.12 -6.76 -30.31
CA ASP A 269 21.21 -7.65 -29.57
C ASP A 269 21.81 -8.22 -28.30
N ASN A 270 23.04 -8.73 -28.37
CA ASN A 270 23.73 -9.25 -27.20
C ASN A 270 24.10 -8.21 -26.12
N GLU A 271 24.08 -6.92 -26.45
CA GLU A 271 24.53 -5.88 -25.50
C GLU A 271 23.39 -4.96 -25.02
N ARG A 272 22.30 -4.94 -25.77
CA ARG A 272 21.21 -4.00 -25.56
C ARG A 272 20.38 -4.35 -24.32
N PRO A 273 20.16 -3.39 -23.37
CA PRO A 273 19.27 -3.71 -22.27
C PRO A 273 17.82 -3.93 -22.68
N SER A 274 17.07 -4.67 -21.88
CA SER A 274 15.62 -4.83 -22.07
C SER A 274 14.78 -3.91 -21.15
N VAL A 275 15.37 -3.42 -20.07
CA VAL A 275 14.65 -2.51 -19.18
C VAL A 275 15.47 -1.23 -18.98
N TYR A 276 14.77 -0.08 -18.97
CA TYR A 276 15.36 1.25 -18.86
C TYR A 276 14.52 2.10 -17.90
N ALA A 277 15.16 3.10 -17.26
CA ALA A 277 14.39 4.07 -16.49
C ALA A 277 14.83 5.49 -16.83
N PHE A 278 13.85 6.38 -16.91
CA PHE A 278 14.14 7.81 -16.96
C PHE A 278 13.60 8.38 -15.67
N TYR A 279 14.26 9.40 -15.12
CA TYR A 279 13.77 10.06 -13.94
C TYR A 279 13.83 11.56 -14.10
N SER A 280 12.74 12.20 -13.68
CA SER A 280 12.65 13.66 -13.59
C SER A 280 12.43 14.12 -12.14
N GLU A 281 13.31 15.02 -11.66
CA GLU A 281 13.21 15.75 -10.38
C GLU A 281 11.98 16.69 -10.29
N GLN A 282 11.39 16.98 -11.44
CA GLN A 282 10.20 17.82 -11.59
C GLN A 282 8.96 16.89 -11.70
N PRO A 283 7.77 17.32 -11.28
CA PRO A 283 7.51 18.70 -10.82
C PRO A 283 7.78 18.94 -9.31
N ASP A 284 8.32 17.97 -8.61
CA ASP A 284 8.53 18.05 -7.17
C ASP A 284 9.35 19.30 -6.76
N PHE A 285 10.45 19.53 -7.47
CA PHE A 285 11.35 20.64 -7.18
C PHE A 285 10.59 21.98 -7.12
N SER A 286 9.83 22.29 -8.17
CA SER A 286 9.06 23.52 -8.20
C SER A 286 7.90 23.49 -7.20
N GLY A 287 7.28 22.31 -7.03
CA GLY A 287 6.15 22.14 -6.08
C GLY A 287 6.53 22.53 -4.66
N HIS A 288 7.75 22.21 -4.23
CA HIS A 288 8.18 22.64 -2.90
C HIS A 288 8.18 24.18 -2.80
N LYS A 289 8.62 24.83 -3.86
CA LYS A 289 8.79 26.28 -3.87
C LYS A 289 7.48 27.02 -4.03
N TYR A 290 6.61 26.54 -4.92
CA TYR A 290 5.42 27.28 -5.31
C TYR A 290 4.09 26.68 -4.91
N GLY A 291 4.10 25.53 -4.24
CA GLY A 291 2.82 24.84 -3.97
C GLY A 291 2.35 24.03 -5.16
N PRO A 292 1.49 23.02 -4.93
CA PRO A 292 1.10 22.09 -5.98
C PRO A 292 0.45 22.75 -7.19
N PHE A 293 -0.34 23.81 -6.97
CA PHE A 293 -0.99 24.51 -8.11
C PHE A 293 -0.56 25.96 -8.34
N GLY A 294 0.59 26.32 -7.79
CA GLY A 294 1.17 27.66 -8.02
C GLY A 294 1.21 27.98 -9.51
N PRO A 295 0.94 29.25 -9.91
CA PRO A 295 1.05 29.54 -11.36
C PRO A 295 2.40 29.17 -11.96
N GLU A 296 3.44 29.11 -11.13
CA GLU A 296 4.78 28.71 -11.62
C GLU A 296 4.89 27.19 -11.99
N MET A 297 3.81 26.45 -11.75
CA MET A 297 3.82 24.98 -11.98
C MET A 297 3.51 24.57 -13.42
N THR A 298 2.93 25.49 -14.20
CA THR A 298 2.55 25.19 -15.58
C THR A 298 3.80 24.86 -16.41
N ASN A 299 4.85 25.66 -16.27
CA ASN A 299 6.07 25.46 -17.04
C ASN A 299 6.77 24.11 -16.81
N PRO A 300 6.99 23.70 -15.53
CA PRO A 300 7.53 22.34 -15.29
C PRO A 300 6.68 21.22 -15.92
N LEU A 301 5.35 21.36 -15.96
CA LEU A 301 4.49 20.35 -16.60
C LEU A 301 4.66 20.32 -18.11
N ARG A 302 4.72 21.51 -18.73
CA ARG A 302 5.07 21.64 -20.16
C ARG A 302 6.42 20.98 -20.48
N GLU A 303 7.41 21.23 -19.63
CA GLU A 303 8.74 20.70 -19.89
C GLU A 303 8.78 19.15 -19.78
N ILE A 304 8.09 18.59 -18.77
CA ILE A 304 8.00 17.11 -18.67
C ILE A 304 7.32 16.52 -19.90
N ASP A 305 6.23 17.13 -20.32
CA ASP A 305 5.55 16.70 -21.53
C ASP A 305 6.45 16.73 -22.76
N LYS A 306 7.27 17.77 -22.86
CA LYS A 306 8.18 17.90 -24.00
C LYS A 306 9.19 16.74 -23.98
N THR A 307 9.70 16.39 -22.80
CA THR A 307 10.58 15.24 -22.65
C THR A 307 9.94 13.94 -23.08
N VAL A 308 8.65 13.76 -22.72
CA VAL A 308 7.88 12.60 -23.14
C VAL A 308 7.84 12.56 -24.68
N GLY A 309 7.49 13.72 -25.27
CA GLY A 309 7.52 13.97 -26.71
C GLY A 309 8.83 13.56 -27.37
N GLN A 310 9.95 13.98 -26.76
CA GLN A 310 11.30 13.59 -27.24
C GLN A 310 11.52 12.07 -27.25
N LEU A 311 11.10 11.39 -26.17
CA LEU A 311 11.16 9.93 -26.13
C LEU A 311 10.33 9.26 -27.20
N MET A 312 9.06 9.63 -27.29
CA MET A 312 8.18 9.01 -28.25
C MET A 312 8.59 9.29 -29.71
N ASP A 313 9.12 10.48 -29.98
CA ASP A 313 9.61 10.78 -31.34
C ASP A 313 10.86 9.96 -31.60
N GLY A 314 11.70 9.82 -30.58
CA GLY A 314 12.91 9.06 -30.70
C GLY A 314 12.61 7.60 -30.96
N LEU A 315 11.64 7.03 -30.22
CA LEU A 315 11.25 5.63 -30.41
C LEU A 315 10.65 5.44 -31.82
N LYS A 316 9.79 6.35 -32.23
CA LYS A 316 9.18 6.25 -33.55
C LYS A 316 10.27 6.25 -34.67
N GLN A 317 11.28 7.12 -34.56
CA GLN A 317 12.48 7.09 -35.45
C GLN A 317 13.15 5.75 -35.51
N LEU A 318 13.24 5.07 -34.38
CA LEU A 318 13.91 3.78 -34.33
C LEU A 318 12.92 2.64 -34.63
N ARG A 319 11.71 3.00 -35.08
CA ARG A 319 10.59 2.05 -35.31
C ARG A 319 10.30 1.16 -34.06
N LEU A 320 10.31 1.79 -32.87
CA LEU A 320 10.13 1.08 -31.60
C LEU A 320 8.84 1.50 -30.86
N HIS A 321 8.08 2.40 -31.49
CA HIS A 321 6.95 3.07 -30.83
C HIS A 321 5.73 2.17 -30.69
N ARG A 322 5.75 1.04 -31.39
CA ARG A 322 4.69 0.03 -31.31
C ARG A 322 5.35 -1.28 -30.88
N CYS A 323 6.51 -1.14 -30.25
CA CYS A 323 7.28 -2.26 -29.77
C CYS A 323 7.49 -2.19 -28.24
N VAL A 324 7.85 -1.00 -27.73
CA VAL A 324 8.22 -0.78 -26.33
C VAL A 324 6.98 -0.60 -25.42
N ASN A 325 7.02 -1.17 -24.20
CA ASN A 325 6.01 -0.82 -23.22
C ASN A 325 6.56 0.36 -22.41
N VAL A 326 5.76 1.39 -22.26
CA VAL A 326 6.16 2.60 -21.51
C VAL A 326 5.28 2.68 -20.26
N ILE A 327 5.89 2.92 -19.12
CA ILE A 327 5.17 3.21 -17.91
C ILE A 327 5.52 4.64 -17.49
N PHE A 328 4.48 5.45 -17.32
CA PHE A 328 4.55 6.80 -16.79
C PHE A 328 3.99 6.72 -15.36
N VAL A 329 4.87 6.93 -14.39
CA VAL A 329 4.58 6.66 -13.01
C VAL A 329 5.21 7.72 -12.09
N GLY A 330 4.43 8.14 -11.09
CA GLY A 330 4.90 9.11 -10.08
C GLY A 330 5.28 8.43 -8.78
N ASP A 331 6.05 9.11 -7.93
CA ASP A 331 6.34 8.54 -6.62
C ASP A 331 5.33 8.96 -5.51
N HIS A 332 4.81 10.19 -5.59
CA HIS A 332 3.90 10.79 -4.56
C HIS A 332 3.40 12.10 -5.15
N GLY A 333 2.40 12.70 -4.52
CA GLY A 333 1.87 14.00 -4.92
C GLY A 333 2.57 15.12 -4.14
N MET A 334 1.80 16.16 -3.83
CA MET A 334 2.31 17.40 -3.22
C MET A 334 1.11 18.12 -2.66
N GLU A 335 1.32 18.70 -1.48
CA GLU A 335 0.28 19.40 -0.71
C GLU A 335 0.77 20.84 -0.42
N ASP A 336 -0.19 21.73 -0.17
CA ASP A 336 0.10 23.11 0.31
C ASP A 336 0.50 23.06 1.75
N VAL A 337 1.70 23.51 2.03
CA VAL A 337 2.26 23.48 3.38
C VAL A 337 3.13 24.73 3.45
N THR A 338 2.94 25.55 4.48
CA THR A 338 3.75 26.77 4.72
C THR A 338 4.31 26.82 6.15
N CYS A 339 5.34 27.67 6.33
CA CYS A 339 6.05 27.89 7.61
C CYS A 339 5.11 28.22 8.78
N ASP A 340 4.08 29.03 8.52
CA ASP A 340 3.12 29.38 9.57
C ASP A 340 2.26 28.21 10.05
N ARG A 341 2.18 27.13 9.27
CA ARG A 341 1.52 25.89 9.72
C ARG A 341 2.53 24.86 10.23
N THR A 342 3.18 25.23 11.35
CA THR A 342 4.11 24.37 12.01
C THR A 342 3.71 24.33 13.47
N GLU A 343 3.54 23.11 13.98
CA GLU A 343 3.36 22.84 15.41
C GLU A 343 4.76 22.64 15.94
N PHE A 344 5.04 23.20 17.12
CA PHE A 344 6.36 23.05 17.75
C PHE A 344 6.30 22.19 19.00
N LEU A 345 7.17 21.19 19.08
CA LEU A 345 7.18 20.32 20.26
C LEU A 345 7.52 21.10 21.54
N SER A 346 8.18 22.24 21.37
CA SER A 346 8.49 23.14 22.48
C SER A 346 7.22 23.72 23.13
N ASN A 347 6.11 23.81 22.39
CA ASN A 347 4.82 24.20 22.98
C ASN A 347 4.06 23.12 23.78
N TYR A 348 4.71 21.96 23.96
CA TYR A 348 4.08 20.77 24.56
C TYR A 348 4.99 20.14 25.60
N LEU A 349 6.28 20.08 25.30
CA LEU A 349 7.22 19.39 26.16
C LEU A 349 8.05 20.42 26.93
N THR A 350 8.57 20.02 28.08
CA THR A 350 9.53 20.88 28.77
C THR A 350 10.97 20.38 28.58
N ASN A 351 11.14 19.06 28.47
CA ASN A 351 12.46 18.45 28.22
C ASN A 351 12.83 18.31 26.73
N VAL A 352 12.43 19.30 25.93
CA VAL A 352 12.60 19.29 24.47
C VAL A 352 14.06 19.09 23.99
N ASP A 353 15.02 19.35 24.88
CA ASP A 353 16.46 19.14 24.61
C ASP A 353 16.95 17.70 24.83
N ASP A 354 16.16 16.89 25.54
CA ASP A 354 16.44 15.45 25.75
C ASP A 354 15.99 14.57 24.57
N ILE A 355 15.40 15.18 23.54
CA ILE A 355 14.89 14.45 22.36
C ILE A 355 15.55 14.83 21.03
N THR A 356 15.56 13.85 20.12
CA THR A 356 15.91 13.99 18.70
C THR A 356 14.59 13.78 17.94
N LEU A 357 14.19 14.80 17.19
CA LEU A 357 13.07 14.72 16.28
C LEU A 357 13.49 14.66 14.81
N VAL A 358 13.06 13.60 14.10
CA VAL A 358 13.01 13.64 12.63
C VAL A 358 11.74 14.42 12.26
N PRO A 359 11.89 15.64 11.69
CA PRO A 359 10.80 16.57 11.57
C PRO A 359 10.09 16.61 10.21
N GLY A 360 9.00 17.39 10.15
CA GLY A 360 8.38 17.85 8.92
C GLY A 360 6.97 17.35 8.79
N THR A 361 6.73 16.53 7.74
CA THR A 361 5.36 16.09 7.41
C THR A 361 5.00 14.80 8.13
N LEU A 362 5.97 14.30 8.89
CA LEU A 362 5.79 13.20 9.85
C LEU A 362 6.82 13.48 10.94
N GLY A 363 6.57 12.90 12.11
CA GLY A 363 7.48 13.06 13.22
C GLY A 363 7.95 11.71 13.67
N ARG A 364 9.24 11.62 13.96
CA ARG A 364 9.85 10.46 14.58
C ARG A 364 10.76 10.92 15.74
N ILE A 365 10.45 10.45 16.94
CA ILE A 365 11.11 10.89 18.18
C ILE A 365 11.92 9.76 18.81
N ARG A 366 13.17 10.05 19.18
CA ARG A 366 13.92 9.15 20.05
C ARG A 366 14.77 9.95 21.07
N ALA A 367 15.33 9.26 22.06
CA ALA A 367 16.22 9.88 23.06
C ALA A 367 17.47 10.46 22.37
N LYS A 368 17.83 11.68 22.74
CA LYS A 368 19.10 12.29 22.32
C LYS A 368 20.30 11.45 22.79
N SER A 369 20.21 10.89 24.00
CA SER A 369 21.28 10.05 24.54
C SER A 369 20.80 8.66 25.00
N ILE A 370 21.48 7.61 24.53
CA ILE A 370 21.24 6.20 24.99
C ILE A 370 21.74 5.95 26.43
N ASN A 371 22.55 6.89 26.94
CA ASN A 371 23.02 6.92 28.34
C ASN A 371 22.00 7.45 29.37
N ASN A 372 20.98 8.18 28.90
CA ASN A 372 19.91 8.67 29.79
C ASN A 372 18.64 7.78 29.89
N SER A 373 18.56 7.05 31.01
CA SER A 373 17.40 6.20 31.35
C SER A 373 16.33 6.98 32.16
N LYS A 374 16.44 8.32 32.13
CA LYS A 374 15.43 9.23 32.71
C LYS A 374 14.47 9.76 31.62
N TYR A 375 14.85 9.56 30.35
CA TYR A 375 13.96 9.73 29.19
C TYR A 375 12.88 8.65 29.26
N ASP A 376 11.61 9.08 29.26
CA ASP A 376 10.47 8.13 29.29
C ASP A 376 9.50 8.33 28.12
N PRO A 377 9.45 7.37 27.16
CA PRO A 377 8.53 7.45 26.02
C PRO A 377 7.07 7.63 26.44
N LYS A 378 6.68 7.03 27.56
CA LYS A 378 5.31 7.10 28.04
C LYS A 378 4.84 8.51 28.36
N THR A 379 5.68 9.24 29.11
CA THR A 379 5.39 10.63 29.47
C THR A 379 5.48 11.61 28.30
N ILE A 380 6.39 11.34 27.35
CA ILE A 380 6.46 12.10 26.09
C ILE A 380 5.15 11.97 25.34
N ILE A 381 4.66 10.72 25.17
CA ILE A 381 3.36 10.50 24.49
C ILE A 381 2.20 11.24 25.18
N ALA A 382 2.06 11.04 26.50
CA ALA A 382 0.98 11.69 27.24
C ALA A 382 1.09 13.22 27.13
N ALA A 383 2.33 13.74 27.17
CA ALA A 383 2.49 15.19 26.98
C ALA A 383 2.11 15.68 25.57
N LEU A 384 2.04 14.77 24.59
CA LEU A 384 1.63 15.13 23.20
C LEU A 384 0.20 14.77 22.82
N THR A 385 -0.54 14.19 23.77
CA THR A 385 -1.88 13.66 23.49
C THR A 385 -2.99 14.63 23.84
N CYS A 386 -3.71 15.06 22.80
CA CYS A 386 -4.93 15.86 22.91
C CYS A 386 -4.75 17.13 23.78
N LYS A 387 -3.62 17.80 23.61
CA LYS A 387 -3.26 18.91 24.49
C LYS A 387 -3.82 20.27 24.12
N LYS A 388 -4.11 20.47 22.83
CA LYS A 388 -4.66 21.72 22.29
C LYS A 388 -5.89 21.37 21.46
N PRO A 389 -6.96 22.19 21.55
CA PRO A 389 -8.23 21.91 20.85
C PRO A 389 -8.10 21.65 19.35
N ASP A 390 -7.16 22.31 18.66
CA ASP A 390 -7.03 22.14 17.22
C ASP A 390 -5.80 21.35 16.76
N GLN A 391 -5.17 20.64 17.71
CA GLN A 391 -3.84 20.03 17.59
C GLN A 391 -3.62 19.38 16.22
N HIS A 392 -2.56 19.75 15.51
CA HIS A 392 -2.42 19.28 14.10
C HIS A 392 -1.51 18.06 13.87
N PHE A 393 -1.34 17.25 14.90
CA PHE A 393 -0.64 15.97 14.78
C PHE A 393 -1.16 15.08 15.90
N LYS A 394 -0.90 13.79 15.77
CA LYS A 394 -1.31 12.80 16.77
C LYS A 394 -0.14 11.87 17.00
N PRO A 395 0.28 11.74 18.27
CA PRO A 395 1.35 10.83 18.64
C PRO A 395 0.89 9.38 18.70
N TYR A 396 1.75 8.46 18.29
CA TYR A 396 1.47 7.04 18.40
C TYR A 396 2.73 6.31 18.82
N MET A 397 2.60 5.25 19.63
CA MET A 397 3.64 4.23 19.63
C MET A 397 3.53 3.56 18.21
N LYS A 398 4.65 3.22 17.55
CA LYS A 398 4.59 2.73 16.16
C LYS A 398 3.65 1.54 15.93
N GLN A 399 3.60 0.63 16.90
CA GLN A 399 2.75 -0.54 16.83
C GLN A 399 1.24 -0.21 16.90
N HIS A 400 0.90 1.02 17.33
CA HIS A 400 -0.50 1.48 17.33
C HIS A 400 -0.93 2.25 16.09
N LEU A 401 0.04 2.57 15.23
CA LEU A 401 -0.31 3.16 13.93
C LEU A 401 -1.29 2.24 13.18
N PRO A 402 -2.23 2.81 12.37
CA PRO A 402 -3.08 2.01 11.47
C PRO A 402 -2.26 0.95 10.73
N LYS A 403 -2.78 -0.27 10.76
CA LYS A 403 -2.08 -1.41 10.23
C LYS A 403 -1.88 -1.26 8.70
N ARG A 404 -2.80 -0.53 8.04
CA ARG A 404 -2.70 -0.26 6.61
C ARG A 404 -1.42 0.48 6.23
N LEU A 405 -0.81 1.20 7.19
CA LEU A 405 0.45 1.90 6.90
C LEU A 405 1.64 0.97 6.81
N HIS A 406 1.52 -0.20 7.46
CA HIS A 406 2.60 -1.17 7.49
C HIS A 406 3.93 -0.51 7.88
N TYR A 407 3.92 0.25 8.97
CA TYR A 407 5.05 1.11 9.27
C TYR A 407 5.52 0.94 10.71
N ALA A 408 6.14 -0.19 10.98
CA ALA A 408 6.58 -0.50 12.35
C ALA A 408 7.72 -1.48 12.42
N ASN A 409 7.75 -2.50 11.54
CA ASN A 409 8.68 -3.64 11.69
C ASN A 409 10.09 -3.33 11.10
N ASN A 410 10.73 -2.30 11.67
CA ASN A 410 12.11 -1.96 11.28
C ASN A 410 12.75 -1.18 12.42
N ARG A 411 13.97 -1.57 12.81
CA ARG A 411 14.72 -0.91 13.88
C ARG A 411 15.03 0.54 13.57
N ARG A 412 14.89 0.92 12.29
CA ARG A 412 15.15 2.32 11.91
C ARG A 412 13.88 3.19 12.08
N ILE A 413 12.75 2.57 12.38
CA ILE A 413 11.53 3.38 12.64
C ILE A 413 11.46 3.54 14.16
N GLU A 414 11.47 4.78 14.63
CA GLU A 414 11.47 5.09 16.07
C GLU A 414 10.11 4.72 16.71
N ASP A 415 10.16 4.37 17.99
CA ASP A 415 8.99 3.91 18.74
C ASP A 415 7.88 4.94 18.80
N ILE A 416 8.27 6.21 18.89
CA ILE A 416 7.32 7.28 18.92
C ILE A 416 7.25 7.87 17.53
N HIS A 417 6.00 7.98 17.04
CA HIS A 417 5.70 8.51 15.74
C HIS A 417 4.63 9.55 15.88
N LEU A 418 4.72 10.59 15.05
CA LEU A 418 3.68 11.61 14.98
C LEU A 418 3.09 11.58 13.60
N LEU A 419 1.80 11.31 13.49
CA LEU A 419 1.09 11.46 12.23
C LEU A 419 0.61 12.87 12.14
N VAL A 420 1.07 13.57 11.11
CA VAL A 420 0.85 15.02 11.00
C VAL A 420 -0.33 15.28 10.08
N ASP A 421 -1.24 16.17 10.47
CA ASP A 421 -2.34 16.56 9.58
C ASP A 421 -1.86 17.10 8.24
N ARG A 422 -2.61 16.82 7.17
CA ARG A 422 -2.29 17.36 5.84
C ARG A 422 -2.24 18.90 5.97
N ARG A 423 -1.26 19.51 5.28
CA ARG A 423 -1.07 20.98 5.23
CA ARG A 423 -1.05 20.98 5.23
C ARG A 423 -0.20 21.51 6.38
N TRP A 424 0.20 20.60 7.28
CA TRP A 424 1.02 20.97 8.45
C TRP A 424 2.43 20.38 8.49
N HIS A 425 3.26 21.02 9.32
CA HIS A 425 4.55 20.51 9.72
C HIS A 425 4.62 20.38 11.24
N VAL A 426 5.53 19.53 11.70
CA VAL A 426 5.94 19.50 13.09
C VAL A 426 7.44 19.78 13.12
N ALA A 427 7.86 20.60 14.09
CA ALA A 427 9.27 20.88 14.34
C ALA A 427 9.51 20.87 15.86
N ARG A 428 10.76 20.76 16.25
CA ARG A 428 11.13 20.67 17.65
C ARG A 428 10.98 22.06 18.37
N LYS A 429 11.75 23.04 17.90
CA LYS A 429 11.76 24.43 18.44
CA LYS A 429 11.67 24.40 18.43
C LYS A 429 11.56 25.39 17.29
N PRO A 430 10.99 26.61 17.54
CA PRO A 430 10.89 27.57 16.43
C PRO A 430 12.20 27.93 15.70
N LEU A 431 13.34 27.88 16.40
CA LEU A 431 14.64 28.18 15.80
C LEU A 431 15.01 27.23 14.66
N ASP A 432 14.55 25.98 14.75
CA ASP A 432 14.65 24.97 13.66
C ASP A 432 14.04 25.36 12.30
N VAL A 433 13.00 26.19 12.31
CA VAL A 433 12.39 26.69 11.06
C VAL A 433 13.09 27.94 10.48
N TYR A 434 13.21 29.03 11.25
CA TYR A 434 13.82 30.28 10.74
C TYR A 434 15.36 30.28 10.60
N LYS A 435 16.04 29.43 11.39
CA LYS A 435 17.50 29.21 11.32
C LYS A 435 17.77 27.72 10.97
N LYS A 436 17.77 27.41 9.67
CA LYS A 436 17.92 26.03 9.15
C LYS A 436 18.95 25.94 8.02
N CYS A 441 9.23 32.93 4.41
CA CYS A 441 9.07 31.48 4.26
C CYS A 441 9.54 30.98 2.90
N PHE A 442 10.41 29.97 2.90
CA PHE A 442 10.90 29.36 1.66
C PHE A 442 9.77 28.57 0.97
N PHE A 443 9.37 27.47 1.60
CA PHE A 443 8.51 26.45 0.98
C PHE A 443 7.02 26.79 0.96
N GLN A 444 6.35 26.38 -0.12
CA GLN A 444 4.90 26.45 -0.21
C GLN A 444 4.26 25.07 -0.46
N GLY A 445 5.10 24.03 -0.64
CA GLY A 445 4.60 22.68 -0.92
C GLY A 445 5.40 21.66 -0.16
N ASP A 446 4.76 20.58 0.29
CA ASP A 446 5.52 19.45 0.83
C ASP A 446 4.68 18.15 0.70
N HIS A 447 5.29 17.04 1.07
CA HIS A 447 4.61 15.73 0.98
C HIS A 447 5.23 14.86 2.04
N GLY A 448 4.66 13.68 2.28
CA GLY A 448 5.16 12.80 3.34
C GLY A 448 4.03 12.30 4.21
N PHE A 449 2.84 12.90 4.09
CA PHE A 449 1.67 12.61 4.91
C PHE A 449 1.11 11.19 4.67
N ASP A 450 0.22 10.77 5.56
CA ASP A 450 -0.62 9.55 5.41
C ASP A 450 -0.95 9.25 3.94
N ASN A 451 -0.65 8.02 3.49
CA ASN A 451 -0.81 7.71 2.04
C ASN A 451 -2.26 7.56 1.55
N LYS A 452 -3.23 7.76 2.45
CA LYS A 452 -4.65 7.84 2.06
C LYS A 452 -5.04 9.24 1.60
N VAL A 453 -4.21 10.24 1.91
CA VAL A 453 -4.54 11.66 1.63
C VAL A 453 -4.58 11.96 0.12
N ASN A 454 -5.66 12.57 -0.38
CA ASN A 454 -5.83 12.83 -1.82
C ASN A 454 -4.66 13.56 -2.45
N SER A 455 -4.18 14.61 -1.78
CA SER A 455 -3.06 15.37 -2.33
C SER A 455 -1.75 14.53 -2.47
N MET A 456 -1.61 13.43 -1.73
CA MET A 456 -0.41 12.56 -1.87
C MET A 456 -0.50 11.53 -3.02
N GLN A 457 -1.69 11.35 -3.59
CA GLN A 457 -1.87 10.35 -4.66
C GLN A 457 -1.06 10.76 -5.87
N THR A 458 -0.65 9.78 -6.67
CA THR A 458 0.19 10.05 -7.80
C THR A 458 -0.38 9.27 -9.00
N VAL A 459 0.44 9.10 -10.04
CA VAL A 459 -0.11 8.67 -11.33
C VAL A 459 0.39 7.33 -11.81
N PHE A 460 -0.40 6.70 -12.69
CA PHE A 460 0.05 5.52 -13.43
C PHE A 460 -0.57 5.52 -14.81
N VAL A 461 0.29 5.37 -15.82
CA VAL A 461 -0.17 5.09 -17.18
C VAL A 461 0.73 4.01 -17.74
N GLY A 462 0.14 3.00 -18.38
CA GLY A 462 0.91 2.02 -19.15
C GLY A 462 0.51 2.06 -20.64
N TYR A 463 1.50 2.09 -21.51
CA TYR A 463 1.22 2.18 -22.93
C TYR A 463 2.11 1.21 -23.67
N GLY A 464 1.53 0.37 -24.51
CA GLY A 464 2.38 -0.49 -25.32
C GLY A 464 1.65 -1.75 -25.75
N PRO A 465 2.34 -2.68 -26.44
CA PRO A 465 1.70 -3.92 -26.91
C PRO A 465 1.16 -4.81 -25.77
N THR A 466 1.80 -4.77 -24.59
CA THR A 466 1.41 -5.68 -23.50
C THR A 466 0.31 -5.08 -22.62
N PHE A 467 0.16 -3.75 -22.64
CA PHE A 467 -0.94 -3.11 -21.90
C PHE A 467 -2.20 -3.11 -22.74
N LYS A 468 -3.33 -2.92 -22.08
CA LYS A 468 -4.58 -2.77 -22.80
C LYS A 468 -4.74 -1.47 -23.53
N TYR A 469 -5.69 -1.48 -24.44
CA TYR A 469 -5.99 -0.34 -25.31
C TYR A 469 -7.13 0.48 -24.72
N ARG A 470 -6.95 1.80 -24.57
CA ARG A 470 -8.00 2.72 -24.08
C ARG A 470 -8.75 2.22 -22.87
N THR A 471 -8.02 1.77 -21.83
CA THR A 471 -8.69 1.10 -20.72
C THR A 471 -8.44 1.90 -19.45
N LYS A 472 -9.48 2.13 -18.66
CA LYS A 472 -9.32 2.70 -17.34
C LYS A 472 -9.37 1.56 -16.35
N VAL A 473 -8.44 1.54 -15.40
CA VAL A 473 -8.47 0.53 -14.32
C VAL A 473 -8.69 1.26 -12.99
N PRO A 474 -9.24 0.57 -11.96
CA PRO A 474 -9.35 1.17 -10.61
C PRO A 474 -7.98 1.59 -10.03
N PRO A 475 -7.99 2.56 -9.09
CA PRO A 475 -6.79 2.95 -8.34
C PRO A 475 -6.20 1.71 -7.66
N PHE A 476 -4.88 1.66 -7.58
CA PHE A 476 -4.22 0.51 -6.98
C PHE A 476 -2.98 1.06 -6.28
N GLU A 477 -2.29 0.21 -5.51
CA GLU A 477 -1.13 0.61 -4.72
C GLU A 477 0.16 0.36 -5.44
N ASN A 478 1.13 1.26 -5.22
CA ASN A 478 2.38 1.16 -5.94
C ASN A 478 3.19 -0.13 -5.66
N ILE A 479 2.99 -0.74 -4.48
CA ILE A 479 3.60 -2.04 -4.13
C ILE A 479 3.24 -3.15 -5.16
N GLU A 480 2.17 -2.97 -5.94
CA GLU A 480 1.75 -4.01 -6.93
C GLU A 480 2.55 -4.01 -8.24
N LEU A 481 3.27 -2.92 -8.52
CA LEU A 481 3.85 -2.73 -9.85
C LEU A 481 5.06 -3.59 -10.13
N TYR A 482 5.90 -3.81 -9.12
CA TYR A 482 7.04 -4.70 -9.29
C TYR A 482 6.65 -6.03 -9.98
N ASN A 483 5.64 -6.73 -9.45
CA ASN A 483 5.14 -7.98 -10.09
C ASN A 483 4.81 -7.78 -11.58
N VAL A 484 4.13 -6.70 -11.88
CA VAL A 484 3.74 -6.43 -13.27
C VAL A 484 4.95 -6.14 -14.18
N MET A 485 5.89 -5.35 -13.69
CA MET A 485 7.10 -5.08 -14.45
C MET A 485 7.86 -6.39 -14.68
N CYS A 486 7.85 -7.28 -13.70
CA CYS A 486 8.48 -8.60 -13.86
C CYS A 486 7.75 -9.40 -14.95
N ASP A 487 6.41 -9.40 -14.92
CA ASP A 487 5.59 -10.05 -15.96
C ASP A 487 5.89 -9.47 -17.33
N LEU A 488 6.05 -8.15 -17.41
CA LEU A 488 6.35 -7.45 -18.67
C LEU A 488 7.66 -7.86 -19.26
N LEU A 489 8.56 -8.37 -18.42
CA LEU A 489 9.90 -8.73 -18.83
C LEU A 489 10.13 -10.23 -18.82
N GLY A 490 9.08 -11.01 -18.54
CA GLY A 490 9.18 -12.48 -18.39
C GLY A 490 10.04 -12.91 -17.22
N LEU A 491 10.11 -12.12 -16.14
CA LEU A 491 10.93 -12.43 -14.94
C LEU A 491 10.12 -13.07 -13.83
N LYS A 492 10.74 -13.91 -13.01
CA LYS A 492 10.06 -14.40 -11.82
C LYS A 492 10.34 -13.33 -10.73
N PRO A 493 9.27 -12.75 -10.14
CA PRO A 493 9.52 -11.69 -9.11
C PRO A 493 10.14 -12.27 -7.84
N ALA A 494 11.06 -11.56 -7.20
CA ALA A 494 11.46 -11.92 -5.84
C ALA A 494 10.27 -11.79 -4.87
N PRO A 495 10.32 -12.44 -3.70
CA PRO A 495 9.19 -12.39 -2.78
C PRO A 495 8.86 -10.96 -2.38
N ASN A 496 7.59 -10.56 -2.50
CA ASN A 496 7.31 -9.13 -2.26
C ASN A 496 5.92 -8.93 -1.69
N ASN A 497 5.49 -7.68 -1.53
CA ASN A 497 4.20 -7.38 -0.84
C ASN A 497 3.04 -7.16 -1.79
N GLY A 498 3.33 -7.08 -3.08
CA GLY A 498 2.30 -7.15 -4.13
C GLY A 498 1.48 -8.45 -4.00
N THR A 499 0.34 -8.49 -4.66
CA THR A 499 -0.50 -9.71 -4.68
C THR A 499 -0.56 -10.05 -6.17
N HIS A 500 0.20 -11.06 -6.56
CA HIS A 500 0.50 -11.28 -7.97
C HIS A 500 -0.73 -11.86 -8.61
N GLY A 501 -1.21 -11.15 -9.64
CA GLY A 501 -2.48 -11.41 -10.25
C GLY A 501 -3.50 -10.29 -10.02
N SER A 502 -3.32 -9.48 -9.00
CA SER A 502 -4.32 -8.46 -8.72
C SER A 502 -4.30 -7.34 -9.78
N LEU A 503 -3.21 -7.20 -10.54
CA LEU A 503 -3.15 -6.24 -11.66
C LEU A 503 -3.18 -6.90 -13.06
N ASN A 504 -3.59 -8.17 -13.16
CA ASN A 504 -3.74 -8.81 -14.48
C ASN A 504 -4.63 -8.04 -15.45
N HIS A 505 -5.68 -7.41 -14.90
CA HIS A 505 -6.60 -6.57 -15.67
C HIS A 505 -5.98 -5.35 -16.37
N LEU A 506 -4.70 -5.06 -16.11
CA LEU A 506 -4.01 -3.98 -16.83
C LEU A 506 -3.44 -4.46 -18.16
N LEU A 507 -3.33 -5.78 -18.31
CA LEU A 507 -2.51 -6.38 -19.35
C LEU A 507 -3.32 -7.09 -20.41
N ARG A 508 -2.87 -6.91 -21.65
CA ARG A 508 -3.45 -7.64 -22.78
C ARG A 508 -3.06 -9.10 -22.74
N THR A 509 -1.77 -9.36 -22.50
N THR A 509 -1.86 -9.49 -22.33
CA THR A 509 -1.17 -10.68 -22.48
CA THR A 509 -1.57 -10.97 -22.26
C THR A 509 -0.10 -10.66 -21.38
C THR A 509 -1.48 -11.68 -20.89
N ASN A 510 0.63 -11.76 -21.23
N ASN A 510 -0.53 -11.26 -20.08
CA ASN A 510 1.67 -11.85 -20.19
CA ASN A 510 -0.15 -11.91 -18.80
C ASN A 510 1.06 -11.99 -18.80
C ASN A 510 0.34 -13.37 -18.81
N THR A 511 -0.22 -12.36 -18.71
N THR A 511 1.58 -13.54 -18.35
CA THR A 511 -0.81 -12.43 -17.38
CA THR A 511 2.22 -14.83 -18.26
C THR A 511 -0.19 -13.55 -16.57
C THR A 511 2.13 -15.38 -16.84
N PHE A 512 -0.34 -13.44 -15.26
N PHE A 512 1.37 -14.72 -15.98
CA PHE A 512 0.21 -14.41 -14.34
CA PHE A 512 1.16 -15.26 -14.64
C PHE A 512 -0.97 -15.16 -13.80
C PHE A 512 -0.31 -15.60 -14.37
N ARG A 513 -1.09 -16.44 -14.13
N ARG A 513 -0.56 -16.83 -13.92
CA ARG A 513 -2.27 -17.17 -13.71
CA ARG A 513 -1.90 -17.34 -13.65
C ARG A 513 -2.11 -17.73 -12.31
C ARG A 513 -1.95 -17.77 -12.19
N PRO A 514 -2.59 -16.97 -11.32
CA PRO A 514 -2.48 -17.30 -9.91
C PRO A 514 -3.43 -18.46 -9.54
N THR A 515 -3.06 -19.17 -8.51
CA THR A 515 -3.88 -20.27 -8.01
C THR A 515 -4.11 -20.00 -6.53
N MET A 516 -5.28 -20.44 -6.04
CA MET A 516 -5.63 -20.28 -4.65
C MET A 516 -4.66 -21.10 -3.79
N PRO A 517 -4.22 -20.53 -2.65
CA PRO A 517 -3.36 -21.33 -1.74
C PRO A 517 -4.11 -22.57 -1.22
N ASP A 518 -3.39 -23.65 -0.99
CA ASP A 518 -4.02 -24.87 -0.48
C ASP A 518 -4.38 -24.70 1.00
N GLU A 519 -5.56 -25.17 1.39
CA GLU A 519 -5.94 -25.22 2.81
C GLU A 519 -4.96 -26.17 3.52
N VAL A 520 -4.47 -25.76 4.67
CA VAL A 520 -3.57 -26.61 5.45
C VAL A 520 -4.32 -27.44 6.50
N SER A 521 -5.23 -26.83 7.25
CA SER A 521 -5.98 -27.50 8.31
C SER A 521 -7.43 -27.63 7.92
N ARG A 522 -7.93 -28.85 7.91
CA ARG A 522 -9.36 -29.10 7.69
C ARG A 522 -10.12 -28.95 9.02
N PRO A 523 -11.36 -28.47 8.97
CA PRO A 523 -12.05 -28.28 10.25
C PRO A 523 -12.60 -29.59 10.79
N ASN A 524 -12.89 -29.61 12.09
CA ASN A 524 -13.75 -30.64 12.69
C ASN A 524 -15.16 -30.09 12.70
N TYR A 525 -16.15 -30.98 12.68
CA TYR A 525 -17.55 -30.60 12.75
C TYR A 525 -18.17 -31.27 14.00
N PRO A 526 -17.93 -30.74 15.21
CA PRO A 526 -18.44 -31.44 16.40
C PRO A 526 -19.96 -31.42 16.52
N GLY A 527 -20.54 -32.54 16.97
CA GLY A 527 -21.94 -32.58 17.37
C GLY A 527 -22.02 -32.41 18.88
N ILE A 528 -23.19 -32.73 19.45
CA ILE A 528 -23.40 -32.58 20.86
C ILE A 528 -22.67 -33.70 21.64
N MET A 529 -21.70 -33.31 22.45
CA MET A 529 -20.75 -34.27 23.04
CA MET A 529 -20.76 -34.27 23.06
C MET A 529 -20.55 -34.09 24.55
N TYR A 530 -21.19 -33.08 25.14
CA TYR A 530 -20.92 -32.72 26.55
C TYR A 530 -22.19 -32.35 27.25
N LEU A 531 -22.32 -32.81 28.49
CA LEU A 531 -23.46 -32.45 29.29
C LEU A 531 -23.13 -31.15 29.98
N GLN A 532 -24.16 -30.32 30.16
CA GLN A 532 -24.10 -29.03 30.88
C GLN A 532 -23.28 -29.10 32.18
N SER A 533 -23.49 -30.16 32.97
CA SER A 533 -22.82 -30.28 34.27
C SER A 533 -21.31 -30.58 34.22
N GLU A 534 -20.78 -30.91 33.04
CA GLU A 534 -19.32 -31.10 32.92
C GLU A 534 -18.54 -29.78 32.92
N PHE A 535 -19.21 -28.67 32.74
CA PHE A 535 -18.54 -27.38 32.66
C PHE A 535 -18.49 -26.74 34.04
N ASP A 536 -17.33 -26.19 34.38
CA ASP A 536 -17.22 -25.44 35.61
C ASP A 536 -16.54 -24.13 35.26
N LEU A 537 -17.29 -23.28 34.56
CA LEU A 537 -16.69 -22.10 33.94
C LEU A 537 -17.01 -20.85 34.74
N GLY A 538 -17.91 -20.97 35.72
CA GLY A 538 -18.26 -19.82 36.59
C GLY A 538 -19.24 -18.90 35.88
N CYS A 539 -19.76 -19.36 34.74
CA CYS A 539 -20.71 -18.59 33.98
C CYS A 539 -22.07 -19.04 34.41
N THR A 540 -23.02 -18.11 34.34
CA THR A 540 -24.44 -18.37 34.58
C THR A 540 -25.22 -17.78 33.42
N CYS A 541 -26.40 -18.33 33.18
CA CYS A 541 -27.37 -17.74 32.28
C CYS A 541 -28.76 -18.05 32.78
N ASP A 542 -29.63 -17.04 32.71
CA ASP A 542 -31.05 -17.20 33.02
C ASP A 542 -31.81 -17.76 31.79
N ASP A 543 -31.66 -19.07 31.54
CA ASP A 543 -32.12 -19.64 30.26
C ASP A 543 -32.96 -20.93 30.27
N LYS A 544 -33.13 -21.55 31.44
CA LYS A 544 -33.88 -22.83 31.58
C LYS A 544 -35.43 -22.66 31.55
N VAL A 545 -36.00 -22.57 30.34
CA VAL A 545 -37.47 -22.57 30.10
C VAL A 545 -37.83 -23.49 28.91
N GLU A 546 -38.60 -24.55 29.19
CA GLU A 546 -39.01 -25.56 28.19
C GLU A 546 -40.06 -25.04 27.19
N ASN A 549 -41.30 -29.49 21.86
CA ASN A 549 -42.06 -29.07 20.70
C ASN A 549 -41.35 -29.54 19.42
N LYS A 550 -41.91 -30.57 18.76
CA LYS A 550 -41.29 -31.23 17.58
C LYS A 550 -41.32 -30.44 16.24
N LEU A 551 -42.02 -29.31 16.23
CA LEU A 551 -41.88 -28.30 15.16
C LEU A 551 -40.56 -27.54 15.37
N GLU A 552 -40.37 -27.03 16.60
CA GLU A 552 -39.22 -26.18 16.97
C GLU A 552 -37.98 -26.89 17.60
N GLU A 553 -38.08 -28.22 17.74
CA GLU A 553 -36.93 -29.09 18.10
C GLU A 553 -36.19 -29.63 16.87
N LEU A 554 -36.93 -29.97 15.80
CA LEU A 554 -36.33 -30.34 14.50
C LEU A 554 -35.74 -29.10 13.80
N ASN A 555 -36.36 -27.95 14.09
CA ASN A 555 -35.92 -26.62 13.64
C ASN A 555 -34.51 -26.21 14.13
N LYS A 556 -34.25 -26.31 15.44
CA LYS A 556 -32.92 -25.99 16.02
C LYS A 556 -31.83 -26.98 15.57
N ARG A 557 -32.24 -28.24 15.37
CA ARG A 557 -31.39 -29.35 14.89
C ARG A 557 -30.77 -29.09 13.50
N LEU A 558 -31.62 -28.69 12.53
CA LEU A 558 -31.19 -28.36 11.15
C LEU A 558 -30.27 -27.13 11.13
N HIS A 559 -30.55 -26.18 12.02
CA HIS A 559 -29.75 -24.96 12.22
C HIS A 559 -28.33 -25.23 12.75
N THR A 560 -28.20 -26.24 13.62
CA THR A 560 -26.90 -26.72 14.16
C THR A 560 -26.15 -27.68 13.20
N LYS A 561 -26.81 -28.15 12.11
CA LYS A 561 -26.13 -28.94 11.04
C LYS A 561 -25.75 -28.10 9.79
N GLY A 562 -26.21 -26.84 9.77
CA GLY A 562 -25.90 -25.90 8.69
C GLY A 562 -27.00 -25.81 7.65
N SER A 563 -28.20 -25.38 8.07
CA SER A 563 -29.32 -25.16 7.13
C SER A 563 -29.39 -23.73 6.57
N THR A 564 -29.22 -22.74 7.45
CA THR A 564 -29.12 -21.33 7.02
C THR A 564 -27.67 -20.94 6.68
N LYS A 565 -26.77 -21.93 6.58
CA LYS A 565 -25.34 -21.68 6.27
C LYS A 565 -25.09 -21.01 4.90
N GLU A 566 -25.99 -21.23 3.95
CA GLU A 566 -25.95 -20.63 2.61
C GLU A 566 -26.24 -19.12 2.69
N ARG A 567 -26.98 -18.73 3.74
CA ARG A 567 -27.35 -17.35 4.03
C ARG A 567 -26.17 -16.62 4.70
N HIS A 568 -25.49 -17.28 5.64
CA HIS A 568 -24.49 -16.60 6.49
C HIS A 568 -23.05 -16.73 6.07
N LEU A 569 -22.76 -17.74 5.24
CA LEU A 569 -21.47 -17.94 4.67
C LEU A 569 -21.57 -17.89 3.15
N LEU A 570 -21.41 -16.69 2.59
CA LEU A 570 -21.76 -16.44 1.19
C LEU A 570 -20.69 -16.75 0.17
N TYR A 571 -19.44 -16.79 0.62
CA TYR A 571 -18.26 -16.94 -0.23
C TYR A 571 -17.41 -18.15 0.13
N GLY A 572 -18.04 -19.15 0.75
CA GLY A 572 -17.33 -20.33 1.22
C GLY A 572 -16.71 -20.06 2.56
N ARG A 573 -16.33 -21.10 3.27
CA ARG A 573 -15.59 -20.83 4.49
C ARG A 573 -14.17 -20.39 4.13
N PRO A 574 -13.57 -19.53 4.96
CA PRO A 574 -12.18 -19.13 4.78
C PRO A 574 -11.29 -20.35 4.91
N ALA A 575 -10.23 -20.42 4.12
CA ALA A 575 -9.27 -21.52 4.34
C ALA A 575 -8.22 -21.16 5.39
N VAL A 576 -7.88 -22.13 6.23
CA VAL A 576 -6.86 -21.96 7.25
C VAL A 576 -5.53 -22.41 6.65
N LEU A 577 -4.59 -21.46 6.51
CA LEU A 577 -3.35 -21.70 5.80
C LEU A 577 -2.16 -22.07 6.70
N TYR A 578 -2.44 -22.53 7.91
CA TYR A 578 -1.37 -22.97 8.78
C TYR A 578 -1.94 -24.16 9.56
N ARG A 579 -1.08 -24.84 10.29
CA ARG A 579 -1.43 -26.09 10.98
C ARG A 579 -2.07 -25.76 12.32
N THR A 580 -3.30 -26.20 12.52
CA THR A 580 -3.99 -25.88 13.78
C THR A 580 -5.19 -26.77 14.03
N SER A 581 -5.82 -26.65 15.20
CA SER A 581 -6.99 -27.44 15.52
CA SER A 581 -7.01 -27.44 15.49
C SER A 581 -8.20 -26.53 15.67
N TYR A 582 -9.21 -26.74 14.85
CA TYR A 582 -10.38 -25.88 14.92
C TYR A 582 -11.67 -26.58 14.49
N ASP A 583 -12.79 -26.03 14.95
CA ASP A 583 -14.13 -26.59 14.74
C ASP A 583 -15.01 -25.63 14.00
N ILE A 584 -15.77 -26.12 13.02
CA ILE A 584 -16.84 -25.29 12.44
C ILE A 584 -18.06 -25.42 13.33
N LEU A 585 -18.61 -24.29 13.75
CA LEU A 585 -19.84 -24.25 14.56
C LEU A 585 -20.99 -23.57 13.80
N TYR A 586 -22.11 -24.28 13.61
CA TYR A 586 -23.27 -23.69 12.92
C TYR A 586 -24.30 -23.18 13.91
N HIS A 587 -25.01 -22.13 13.50
CA HIS A 587 -26.08 -21.50 14.29
C HIS A 587 -27.08 -20.90 13.34
N THR A 588 -28.28 -20.62 13.84
CA THR A 588 -29.35 -20.00 13.01
C THR A 588 -28.89 -18.73 12.29
N ASP A 589 -28.19 -17.88 13.05
CA ASP A 589 -27.82 -16.52 12.60
C ASP A 589 -26.36 -16.29 12.13
N PHE A 590 -25.51 -17.28 12.38
CA PHE A 590 -24.06 -17.18 12.18
C PHE A 590 -23.33 -18.51 12.18
N GLU A 591 -22.16 -18.51 11.58
CA GLU A 591 -21.30 -19.67 11.50
C GLU A 591 -19.92 -19.20 11.94
N SER A 592 -19.18 -20.05 12.65
CA SER A 592 -17.85 -19.68 13.06
C SER A 592 -16.87 -20.83 12.88
N GLY A 593 -15.60 -20.45 12.75
CA GLY A 593 -14.48 -21.39 12.79
C GLY A 593 -13.77 -21.20 14.12
N TYR A 594 -14.00 -22.12 15.05
CA TYR A 594 -13.59 -21.97 16.47
C TYR A 594 -12.27 -22.67 16.79
N SER A 595 -11.30 -21.93 17.31
CA SER A 595 -9.93 -22.43 17.49
C SER A 595 -9.79 -23.02 18.90
N GLU A 596 -9.47 -24.31 18.95
CA GLU A 596 -9.23 -25.00 20.21
C GLU A 596 -7.95 -24.53 20.85
N ILE A 597 -7.07 -23.94 20.05
CA ILE A 597 -5.77 -23.45 20.50
C ILE A 597 -5.88 -22.06 21.17
N PHE A 598 -6.57 -21.13 20.51
CA PHE A 598 -6.69 -19.79 21.03
C PHE A 598 -7.97 -19.60 21.84
N LEU A 599 -8.83 -20.63 21.89
CA LEU A 599 -10.08 -20.64 22.68
C LEU A 599 -11.15 -19.60 22.28
N MET A 600 -11.20 -19.34 20.97
CA MET A 600 -12.12 -18.36 20.46
C MET A 600 -12.18 -18.49 18.94
N PRO A 601 -13.22 -17.90 18.30
CA PRO A 601 -13.22 -18.05 16.87
C PRO A 601 -12.06 -17.31 16.21
N LEU A 602 -11.56 -17.94 15.15
CA LEU A 602 -10.65 -17.27 14.22
C LEU A 602 -11.45 -16.35 13.31
N TRP A 603 -12.69 -16.76 13.07
CA TRP A 603 -13.61 -16.00 12.22
C TRP A 603 -15.03 -16.37 12.58
N THR A 604 -15.92 -15.40 12.39
CA THR A 604 -17.34 -15.53 12.65
C THR A 604 -18.03 -14.84 11.47
N SER A 605 -18.89 -15.56 10.76
CA SER A 605 -19.55 -15.08 9.54
C SER A 605 -21.10 -14.96 9.68
N TYR A 606 -21.65 -13.79 9.30
CA TYR A 606 -23.09 -13.59 9.34
C TYR A 606 -23.59 -12.59 8.30
N THR A 607 -24.81 -12.78 7.85
CA THR A 607 -25.44 -11.88 6.88
C THR A 607 -26.61 -11.15 7.54
N ILE A 608 -26.67 -9.84 7.31
CA ILE A 608 -27.70 -8.91 7.83
C ILE A 608 -28.35 -8.30 6.58
N SER A 609 -29.59 -8.70 6.32
CA SER A 609 -30.34 -8.15 5.18
C SER A 609 -30.76 -6.70 5.48
N LYS A 610 -31.14 -5.96 4.43
CA LYS A 610 -31.69 -4.59 4.55
C LYS A 610 -32.87 -4.50 5.54
N GLN A 611 -33.72 -5.52 5.52
CA GLN A 611 -34.96 -5.61 6.32
C GLN A 611 -34.73 -5.91 7.80
N ALA A 612 -33.55 -6.45 8.14
CA ALA A 612 -33.25 -6.94 9.51
C ALA A 612 -33.54 -5.95 10.63
N GLU A 613 -34.00 -6.48 11.75
CA GLU A 613 -34.30 -5.66 12.93
C GLU A 613 -33.22 -5.76 14.01
N VAL A 614 -32.87 -4.60 14.55
CA VAL A 614 -32.01 -4.45 15.72
C VAL A 614 -32.93 -4.54 16.94
N SER A 615 -32.53 -5.37 17.90
CA SER A 615 -33.21 -5.49 19.19
C SER A 615 -32.16 -5.25 20.28
N SER A 616 -32.61 -5.16 21.53
CA SER A 616 -31.69 -4.96 22.65
C SER A 616 -31.32 -6.29 23.27
N ILE A 617 -30.31 -6.27 24.14
CA ILE A 617 -30.05 -7.41 25.02
C ILE A 617 -31.04 -7.29 26.21
N PRO A 618 -32.01 -8.24 26.32
CA PRO A 618 -32.95 -8.29 27.46
C PRO A 618 -32.21 -8.27 28.79
N GLU A 619 -32.84 -7.70 29.82
CA GLU A 619 -32.21 -7.52 31.16
C GLU A 619 -31.76 -8.82 31.82
N HIS A 620 -32.58 -9.87 31.71
CA HIS A 620 -32.28 -11.18 32.32
C HIS A 620 -31.06 -11.89 31.69
N LEU A 621 -30.72 -11.49 30.45
CA LEU A 621 -29.57 -12.03 29.72
C LEU A 621 -28.33 -11.11 29.68
N THR A 622 -28.35 -10.04 30.48
CA THR A 622 -27.25 -9.06 30.52
C THR A 622 -25.88 -9.75 30.75
N ASN A 623 -25.81 -10.63 31.74
CA ASN A 623 -24.56 -11.31 32.08
C ASN A 623 -24.50 -12.78 31.67
N CYS A 624 -25.46 -13.19 30.86
CA CYS A 624 -25.58 -14.58 30.41
C CYS A 624 -24.39 -15.04 29.52
N VAL A 625 -23.66 -16.08 29.97
CA VAL A 625 -22.75 -16.81 29.08
C VAL A 625 -23.08 -18.30 29.27
N ARG A 626 -23.25 -19.02 28.16
CA ARG A 626 -23.74 -20.41 28.17
C ARG A 626 -22.65 -21.37 27.66
N PRO A 627 -22.45 -22.50 28.37
CA PRO A 627 -21.60 -23.58 27.83
C PRO A 627 -22.00 -24.04 26.43
N ASP A 628 -21.01 -24.35 25.59
CA ASP A 628 -21.29 -24.90 24.26
C ASP A 628 -21.06 -26.42 24.28
N VAL A 629 -22.16 -27.15 24.18
CA VAL A 629 -22.16 -28.62 24.38
C VAL A 629 -21.49 -29.38 23.23
N ARG A 630 -21.04 -28.64 22.20
CA ARG A 630 -20.21 -29.21 21.14
C ARG A 630 -18.72 -29.12 21.44
N VAL A 631 -18.32 -28.37 22.46
CA VAL A 631 -16.89 -28.04 22.67
C VAL A 631 -16.48 -28.34 24.11
N SER A 632 -15.36 -29.02 24.33
CA SER A 632 -15.01 -29.50 25.69
C SER A 632 -14.78 -28.34 26.68
N PRO A 633 -15.07 -28.56 27.99
CA PRO A 633 -14.66 -27.58 29.00
C PRO A 633 -13.20 -27.17 28.80
N GLY A 634 -12.32 -28.14 28.54
CA GLY A 634 -10.88 -27.86 28.42
C GLY A 634 -10.49 -26.95 27.26
N PHE A 635 -11.36 -26.87 26.24
CA PHE A 635 -11.15 -25.99 25.08
C PHE A 635 -12.11 -24.79 25.06
N SER A 636 -12.63 -24.42 26.23
CA SER A 636 -13.57 -23.32 26.34
C SER A 636 -12.94 -22.24 27.19
N GLN A 637 -13.43 -21.01 27.02
CA GLN A 637 -13.14 -19.97 27.96
C GLN A 637 -13.93 -20.20 29.26
N ASN A 638 -13.69 -19.35 30.25
CA ASN A 638 -14.46 -19.37 31.50
C ASN A 638 -14.69 -17.96 31.98
N CYS A 639 -15.82 -17.74 32.64
CA CYS A 639 -16.20 -16.43 33.18
C CYS A 639 -15.38 -15.98 34.38
N LEU A 640 -14.89 -16.92 35.16
CA LEU A 640 -14.12 -16.62 36.35
C LEU A 640 -12.87 -15.79 36.06
N ALA A 641 -12.14 -16.16 35.01
CA ALA A 641 -10.97 -15.40 34.57
C ALA A 641 -11.33 -13.93 34.34
N TYR A 642 -12.47 -13.69 33.67
CA TYR A 642 -12.93 -12.32 33.45
C TYR A 642 -13.31 -11.62 34.75
N LYS A 643 -13.92 -12.33 35.70
CA LYS A 643 -14.17 -11.76 37.03
C LYS A 643 -12.87 -11.34 37.73
N ASN A 644 -11.90 -12.24 37.79
CA ASN A 644 -10.61 -11.97 38.43
C ASN A 644 -9.75 -10.90 37.78
N ASP A 645 -9.81 -10.79 36.44
CA ASP A 645 -9.06 -9.81 35.66
C ASP A 645 -9.78 -8.49 35.75
N LYS A 646 -9.25 -7.59 36.56
CA LYS A 646 -9.86 -6.28 36.75
C LYS A 646 -9.79 -5.32 35.53
N GLN A 647 -8.85 -5.58 34.61
CA GLN A 647 -8.70 -4.74 33.40
C GLN A 647 -9.55 -5.24 32.21
N MET A 648 -9.85 -6.54 32.19
CA MET A 648 -10.35 -7.19 30.98
C MET A 648 -11.80 -7.60 31.10
N SER A 649 -12.62 -7.26 30.11
CA SER A 649 -14.01 -7.70 30.09
C SER A 649 -14.18 -8.58 28.82
N TYR A 650 -15.39 -8.69 28.28
CA TYR A 650 -15.59 -9.54 27.13
C TYR A 650 -16.68 -8.98 26.24
N GLY A 651 -16.65 -9.37 24.97
CA GLY A 651 -17.66 -9.00 23.98
C GLY A 651 -17.94 -10.27 23.20
N PHE A 652 -18.75 -10.13 22.16
CA PHE A 652 -19.19 -11.25 21.33
C PHE A 652 -18.92 -10.90 19.88
N LEU A 653 -18.57 -11.91 19.10
CA LEU A 653 -18.27 -11.66 17.70
C LEU A 653 -19.53 -11.56 16.84
N PHE A 654 -20.44 -12.52 16.95
CA PHE A 654 -21.78 -12.31 16.46
C PHE A 654 -22.53 -11.45 17.51
N PRO A 655 -23.07 -10.30 17.10
CA PRO A 655 -23.74 -9.38 18.06
C PRO A 655 -25.15 -9.88 18.53
N PRO A 656 -25.38 -10.02 19.85
CA PRO A 656 -26.74 -10.36 20.31
C PRO A 656 -27.85 -9.41 19.75
N TYR A 657 -27.50 -8.14 19.49
CA TYR A 657 -28.46 -7.14 19.00
C TYR A 657 -29.08 -7.51 17.67
N LEU A 658 -28.41 -8.38 16.93
CA LEU A 658 -28.88 -8.68 15.60
C LEU A 658 -29.49 -10.07 15.42
N SER A 659 -29.74 -10.76 16.53
CA SER A 659 -30.43 -12.06 16.51
C SER A 659 -31.76 -12.03 15.72
N SER A 660 -32.09 -13.12 15.06
CA SER A 660 -33.27 -13.15 14.19
C SER A 660 -34.57 -13.40 14.97
N SER A 661 -34.42 -13.91 16.20
CA SER A 661 -35.56 -14.29 17.05
C SER A 661 -35.11 -14.29 18.51
N PRO A 662 -36.06 -14.10 19.45
CA PRO A 662 -35.72 -14.24 20.87
C PRO A 662 -35.04 -15.57 21.19
N GLU A 663 -35.44 -16.65 20.53
CA GLU A 663 -34.83 -17.97 20.75
C GLU A 663 -33.43 -18.08 20.13
N ALA A 664 -33.27 -17.61 18.88
CA ALA A 664 -31.95 -17.56 18.26
C ALA A 664 -30.96 -16.75 19.12
N LYS A 665 -31.46 -15.74 19.84
CA LYS A 665 -30.59 -14.89 20.67
C LYS A 665 -29.72 -15.66 21.67
N TYR A 666 -30.22 -16.78 22.21
CA TYR A 666 -29.45 -17.60 23.16
C TYR A 666 -28.15 -18.09 22.54
N ASP A 667 -28.17 -18.37 21.23
CA ASP A 667 -26.93 -18.76 20.52
C ASP A 667 -25.84 -17.71 20.62
N ALA A 668 -26.23 -16.43 20.69
CA ALA A 668 -25.21 -15.37 20.70
C ALA A 668 -24.44 -15.27 22.02
N PHE A 669 -24.97 -15.91 23.06
CA PHE A 669 -24.37 -15.89 24.37
C PHE A 669 -23.55 -17.15 24.66
N LEU A 670 -23.38 -18.03 23.65
CA LEU A 670 -22.45 -19.18 23.81
C LEU A 670 -21.04 -18.73 24.15
N VAL A 671 -20.39 -19.50 25.00
CA VAL A 671 -19.04 -19.19 25.46
C VAL A 671 -18.08 -19.23 24.24
N THR A 672 -18.50 -19.94 23.20
CA THR A 672 -17.73 -20.05 21.98
C THR A 672 -17.84 -18.83 21.05
N ASN A 673 -18.66 -17.84 21.40
CA ASN A 673 -18.83 -16.62 20.61
C ASN A 673 -18.17 -15.44 21.38
N MET A 674 -17.62 -15.72 22.58
CA MET A 674 -17.05 -14.69 23.46
CA MET A 674 -17.07 -14.65 23.41
C MET A 674 -15.58 -14.41 23.15
N VAL A 675 -15.16 -13.15 23.32
CA VAL A 675 -13.81 -12.73 23.06
C VAL A 675 -13.42 -11.68 24.09
N PRO A 676 -12.13 -11.58 24.43
CA PRO A 676 -11.75 -10.63 25.48
C PRO A 676 -11.70 -9.20 24.95
N MET A 677 -12.22 -8.27 25.75
CA MET A 677 -12.33 -6.89 25.37
C MET A 677 -12.17 -6.00 26.58
N TYR A 678 -11.25 -5.07 26.47
CA TYR A 678 -11.13 -3.95 27.38
C TYR A 678 -12.43 -3.16 27.38
N PRO A 679 -12.89 -2.69 28.58
CA PRO A 679 -14.10 -1.85 28.61
C PRO A 679 -14.01 -0.64 27.68
N ALA A 680 -12.84 -0.06 27.52
CA ALA A 680 -12.72 1.11 26.65
C ALA A 680 -12.99 0.70 25.18
N PHE A 681 -12.45 -0.46 24.79
CA PHE A 681 -12.76 -1.04 23.47
C PHE A 681 -14.22 -1.50 23.29
N LYS A 682 -14.87 -1.97 24.36
CA LYS A 682 -16.28 -2.39 24.25
C LYS A 682 -17.17 -1.24 23.83
N ARG A 683 -16.85 -0.02 24.25
CA ARG A 683 -17.53 1.18 23.71
C ARG A 683 -17.53 1.27 22.15
N VAL A 684 -16.37 1.01 21.56
CA VAL A 684 -16.19 1.06 20.12
C VAL A 684 -16.98 -0.08 19.47
N TRP A 685 -16.70 -1.31 19.94
CA TRP A 685 -17.29 -2.53 19.40
C TRP A 685 -18.82 -2.54 19.46
N ALA A 686 -19.38 -2.11 20.59
CA ALA A 686 -20.83 -2.10 20.82
C ALA A 686 -21.51 -1.13 19.87
N TYR A 687 -20.88 0.02 19.63
CA TYR A 687 -21.44 0.97 18.70
C TYR A 687 -21.41 0.43 17.26
N PHE A 688 -20.29 -0.19 16.87
CA PHE A 688 -20.18 -0.84 15.58
C PHE A 688 -21.30 -1.88 15.42
N GLN A 689 -21.48 -2.75 16.42
CA GLN A 689 -22.45 -3.85 16.31
C GLN A 689 -23.93 -3.42 16.41
N ARG A 690 -24.24 -2.46 17.29
CA ARG A 690 -25.61 -2.00 17.54
C ARG A 690 -26.11 -1.05 16.44
N VAL A 691 -25.26 -0.11 16.03
CA VAL A 691 -25.65 0.95 15.10
C VAL A 691 -25.09 0.77 13.70
N LEU A 692 -23.78 0.57 13.58
CA LEU A 692 -23.16 0.66 12.25
C LEU A 692 -23.44 -0.49 11.32
N VAL A 693 -23.48 -1.72 11.84
CA VAL A 693 -23.81 -2.85 10.96
C VAL A 693 -25.18 -2.62 10.29
N LYS A 694 -26.17 -2.25 11.09
CA LYS A 694 -27.51 -1.97 10.52
C LYS A 694 -27.48 -0.82 9.52
N LYS A 695 -26.74 0.24 9.83
CA LYS A 695 -26.58 1.37 8.88
C LYS A 695 -26.02 0.91 7.54
N TYR A 696 -24.98 0.07 7.58
CA TYR A 696 -24.39 -0.47 6.36
C TYR A 696 -25.35 -1.38 5.61
N ALA A 697 -26.09 -2.22 6.34
CA ALA A 697 -27.04 -3.09 5.66
C ALA A 697 -28.11 -2.28 4.90
N SER A 698 -28.61 -1.21 5.52
CA SER A 698 -29.63 -0.34 4.91
CA SER A 698 -29.64 -0.39 4.89
CA SER A 698 -29.63 -0.35 4.92
C SER A 698 -29.08 0.36 3.67
N GLU A 699 -27.87 0.92 3.78
CA GLU A 699 -27.17 1.63 2.70
C GLU A 699 -26.73 0.72 1.53
N ARG A 700 -26.29 -0.52 1.80
CA ARG A 700 -25.68 -1.36 0.77
CA ARG A 700 -25.68 -1.36 0.76
C ARG A 700 -26.61 -2.47 0.35
N ASN A 701 -27.81 -2.47 0.93
CA ASN A 701 -28.83 -3.49 0.64
C ASN A 701 -28.36 -4.91 1.10
N GLY A 702 -28.16 -5.03 2.40
CA GLY A 702 -27.63 -6.26 2.98
C GLY A 702 -26.11 -6.14 3.07
N VAL A 703 -25.56 -6.71 4.13
CA VAL A 703 -24.11 -6.96 4.20
C VAL A 703 -23.87 -8.35 4.77
N ASN A 704 -22.80 -8.97 4.30
CA ASN A 704 -22.23 -10.12 4.95
C ASN A 704 -21.03 -9.61 5.75
N VAL A 705 -20.94 -10.02 7.02
CA VAL A 705 -19.86 -9.61 7.91
C VAL A 705 -19.04 -10.82 8.34
N ILE A 706 -17.71 -10.72 8.23
CA ILE A 706 -16.81 -11.68 8.90
C ILE A 706 -15.95 -10.92 9.88
N SER A 707 -16.01 -11.30 11.15
CA SER A 707 -15.24 -10.60 12.18
C SER A 707 -14.38 -11.58 12.92
N GLY A 708 -13.34 -11.09 13.55
CA GLY A 708 -12.48 -11.98 14.34
C GLY A 708 -11.35 -11.26 15.03
N PRO A 709 -10.56 -12.01 15.79
CA PRO A 709 -9.45 -11.45 16.52
C PRO A 709 -8.19 -11.46 15.64
N ILE A 710 -7.23 -10.58 15.94
CA ILE A 710 -5.89 -10.60 15.34
C ILE A 710 -4.86 -10.56 16.45
N PHE A 711 -3.81 -11.37 16.33
CA PHE A 711 -2.69 -11.27 17.30
C PHE A 711 -1.42 -10.89 16.55
N ASP A 712 -0.91 -9.67 16.80
CA ASP A 712 0.32 -9.26 16.18
C ASP A 712 1.20 -8.58 17.23
N TYR A 713 1.67 -9.34 18.23
CA TYR A 713 2.47 -8.77 19.28
C TYR A 713 3.86 -8.30 18.83
N ASN A 714 4.42 -8.86 17.76
CA ASN A 714 5.74 -8.39 17.29
C ASN A 714 5.60 -7.42 16.10
N TYR A 715 4.38 -6.87 15.92
CA TYR A 715 4.07 -5.85 14.88
C TYR A 715 4.76 -6.07 13.52
N ASP A 716 4.73 -7.32 13.05
CA ASP A 716 5.33 -7.63 11.76
C ASP A 716 4.27 -7.78 10.63
N GLY A 717 3.00 -7.51 10.95
CA GLY A 717 1.92 -7.56 9.95
C GLY A 717 1.46 -8.98 9.70
N LEU A 718 2.00 -9.93 10.45
CA LEU A 718 1.75 -11.34 10.18
C LEU A 718 1.23 -12.09 11.40
N ARG A 719 0.37 -13.07 11.17
CA ARG A 719 -0.22 -13.87 12.27
C ARG A 719 0.82 -14.34 13.32
N ASP A 720 0.60 -14.05 14.59
CA ASP A 720 1.44 -14.64 15.66
C ASP A 720 1.18 -16.12 15.85
N THR A 721 2.26 -16.88 16.08
CA THR A 721 2.14 -18.23 16.67
C THR A 721 1.79 -18.05 18.16
N GLU A 722 1.32 -19.11 18.81
CA GLU A 722 0.89 -19.03 20.23
C GLU A 722 2.02 -18.60 21.14
N ASP A 723 3.26 -19.01 20.83
CA ASP A 723 4.40 -18.63 21.67
C ASP A 723 4.84 -17.18 21.53
N GLU A 724 4.17 -16.41 20.68
CA GLU A 724 4.45 -14.96 20.58
C GLU A 724 3.50 -14.05 21.37
N ILE A 725 2.49 -14.65 22.00
CA ILE A 725 1.45 -13.84 22.67
C ILE A 725 1.99 -13.29 23.99
N LYS A 726 1.95 -11.98 24.15
CA LYS A 726 2.48 -11.35 25.37
C LYS A 726 1.46 -11.11 26.49
N GLN A 727 0.18 -11.36 26.22
CA GLN A 727 -0.85 -11.07 27.23
C GLN A 727 -2.02 -12.04 27.16
N TYR A 728 -2.42 -12.48 28.35
CA TYR A 728 -3.53 -13.42 28.58
C TYR A 728 -4.47 -12.75 29.57
N VAL A 729 -5.73 -13.15 29.50
CA VAL A 729 -6.71 -12.83 30.52
C VAL A 729 -6.18 -13.48 31.82
N GLU A 730 -6.10 -12.69 32.86
CA GLU A 730 -5.39 -13.07 34.09
C GLU A 730 -5.78 -14.41 34.61
N GLY A 731 -4.75 -15.25 34.81
CA GLY A 731 -4.87 -16.56 35.41
C GLY A 731 -5.52 -17.58 34.51
N SER A 732 -5.44 -17.38 33.18
CA SER A 732 -6.04 -18.29 32.23
C SER A 732 -5.11 -18.43 31.05
N SER A 733 -5.51 -19.29 30.12
CA SER A 733 -4.80 -19.45 28.86
C SER A 733 -5.55 -18.76 27.68
N ILE A 734 -6.37 -17.76 28.00
CA ILE A 734 -7.15 -17.04 26.99
C ILE A 734 -6.25 -15.89 26.50
N PRO A 735 -5.76 -15.97 25.25
CA PRO A 735 -4.86 -14.92 24.71
C PRO A 735 -5.62 -13.62 24.38
N VAL A 736 -4.99 -12.47 24.60
CA VAL A 736 -5.66 -11.20 24.38
C VAL A 736 -5.32 -10.74 22.95
N PRO A 737 -6.35 -10.46 22.11
CA PRO A 737 -5.98 -9.96 20.77
C PRO A 737 -5.36 -8.55 20.80
N THR A 738 -4.48 -8.25 19.83
CA THR A 738 -3.98 -6.88 19.67
C THR A 738 -4.99 -6.08 18.82
N HIS A 739 -5.80 -6.77 18.01
CA HIS A 739 -6.74 -6.10 17.11
C HIS A 739 -8.00 -6.92 16.92
N TYR A 740 -9.09 -6.26 16.49
CA TYR A 740 -10.26 -6.95 15.96
C TYR A 740 -10.56 -6.47 14.55
N TYR A 741 -10.86 -7.41 13.65
CA TYR A 741 -11.17 -7.09 12.24
C TYR A 741 -12.64 -7.30 11.89
N SER A 742 -13.09 -6.65 10.82
CA SER A 742 -14.31 -7.09 10.19
C SER A 742 -14.17 -6.84 8.72
N ILE A 743 -14.75 -7.75 7.92
CA ILE A 743 -14.79 -7.65 6.48
C ILE A 743 -16.25 -7.60 6.07
N ILE A 744 -16.62 -6.54 5.35
CA ILE A 744 -18.05 -6.27 5.16
C ILE A 744 -18.29 -6.25 3.67
N THR A 745 -19.01 -7.25 3.17
CA THR A 745 -19.12 -7.50 1.74
C THR A 745 -20.62 -7.34 1.34
N SER A 746 -20.86 -6.83 0.14
CA SER A 746 -22.21 -6.76 -0.44
C SER A 746 -22.05 -6.77 -1.96
N CYS A 747 -23.16 -6.59 -2.68
CA CYS A 747 -23.18 -6.58 -4.13
C CYS A 747 -22.77 -5.23 -4.65
N LEU A 748 -21.89 -5.20 -5.64
CA LEU A 748 -21.46 -3.90 -6.22
C LEU A 748 -22.69 -3.25 -6.87
N ASP A 749 -23.49 -4.06 -7.54
CA ASP A 749 -24.83 -3.63 -7.98
C ASP A 749 -25.77 -3.73 -6.78
N PHE A 750 -25.90 -2.62 -6.08
CA PHE A 750 -26.66 -2.56 -4.84
C PHE A 750 -28.19 -2.60 -4.99
N THR A 751 -28.66 -2.75 -6.24
CA THR A 751 -30.07 -3.08 -6.49
C THR A 751 -30.32 -4.56 -6.22
N GLN A 752 -29.24 -5.36 -6.18
CA GLN A 752 -29.34 -6.75 -5.74
C GLN A 752 -28.95 -6.92 -4.25
N PRO A 753 -29.71 -7.75 -3.50
CA PRO A 753 -29.37 -7.88 -2.07
C PRO A 753 -28.04 -8.65 -1.87
N ALA A 754 -27.35 -8.42 -0.76
CA ALA A 754 -26.04 -9.12 -0.52
C ALA A 754 -26.14 -10.64 -0.70
N ASP A 755 -27.21 -11.24 -0.17
CA ASP A 755 -27.40 -12.70 -0.24
C ASP A 755 -27.84 -13.26 -1.61
N LYS A 756 -28.14 -12.40 -2.58
CA LYS A 756 -28.47 -12.87 -3.95
C LYS A 756 -27.85 -11.95 -4.98
N CYS A 757 -26.52 -11.98 -5.06
CA CYS A 757 -25.77 -11.06 -5.93
C CYS A 757 -25.23 -11.86 -7.09
N ASP A 758 -25.49 -11.41 -8.30
CA ASP A 758 -25.13 -12.18 -9.50
C ASP A 758 -23.75 -11.85 -10.06
N GLY A 759 -23.18 -10.72 -9.67
CA GLY A 759 -21.96 -10.23 -10.29
C GLY A 759 -20.89 -9.78 -9.29
N PRO A 760 -20.11 -8.74 -9.65
CA PRO A 760 -19.01 -8.29 -8.78
C PRO A 760 -19.44 -7.86 -7.38
N LEU A 761 -18.50 -7.99 -6.44
CA LEU A 761 -18.71 -7.70 -5.03
C LEU A 761 -18.18 -6.32 -4.68
N SER A 762 -18.55 -5.83 -3.52
CA SER A 762 -18.07 -4.56 -2.97
C SER A 762 -17.67 -4.83 -1.49
N VAL A 763 -16.52 -4.33 -1.05
CA VAL A 763 -16.02 -4.65 0.30
C VAL A 763 -15.50 -3.40 0.98
N SER A 764 -15.70 -3.32 2.28
CA SER A 764 -14.89 -2.43 3.13
C SER A 764 -14.50 -3.26 4.37
N SER A 765 -13.32 -2.99 4.92
CA SER A 765 -12.83 -3.78 6.05
C SER A 765 -12.10 -2.84 6.99
N PHE A 766 -11.86 -3.31 8.20
CA PHE A 766 -11.07 -2.57 9.17
C PHE A 766 -10.33 -3.50 10.09
N ILE A 767 -9.27 -2.96 10.72
CA ILE A 767 -8.49 -3.69 11.72
C ILE A 767 -8.40 -2.70 12.88
N LEU A 768 -9.26 -2.85 13.86
CA LEU A 768 -9.30 -1.88 14.94
C LEU A 768 -8.31 -2.31 16.02
N PRO A 769 -7.50 -1.38 16.53
CA PRO A 769 -6.60 -1.75 17.61
C PRO A 769 -7.41 -1.95 18.89
N HIS A 770 -7.05 -3.02 19.60
CA HIS A 770 -7.72 -3.44 20.81
C HIS A 770 -7.02 -2.73 21.98
N ARG A 771 -7.41 -1.50 22.29
CA ARG A 771 -6.64 -0.68 23.25
C ARG A 771 -7.42 -0.49 24.58
N PRO A 772 -6.71 -0.47 25.74
CA PRO A 772 -7.37 -0.33 27.05
C PRO A 772 -7.87 1.10 27.30
N ASP A 773 -7.56 2.03 26.41
CA ASP A 773 -8.03 3.39 26.53
C ASP A 773 -8.43 3.87 25.13
N ASN A 774 -9.12 4.99 25.10
CA ASN A 774 -9.46 5.61 23.86
C ASN A 774 -8.69 6.93 23.73
N ASP A 775 -7.44 6.95 24.20
CA ASP A 775 -6.58 8.16 24.08
C ASP A 775 -6.39 8.62 22.64
N GLU A 776 -6.40 7.66 21.70
CA GLU A 776 -6.35 7.97 20.28
C GLU A 776 -7.46 8.91 19.81
N SER A 777 -8.66 8.75 20.32
CA SER A 777 -9.77 9.63 19.92
C SER A 777 -9.95 10.78 20.97
N CYS A 778 -9.55 11.99 20.58
CA CYS A 778 -9.60 13.17 21.47
C CYS A 778 -11.01 13.56 21.93
N ASN A 779 -12.04 13.17 21.16
CA ASN A 779 -13.43 13.43 21.51
CA ASN A 779 -13.44 13.43 21.49
C ASN A 779 -14.18 12.24 22.13
N SER A 780 -13.43 11.29 22.69
CA SER A 780 -14.05 10.05 23.22
C SER A 780 -14.91 10.13 24.49
N SER A 781 -14.82 11.22 25.23
CA SER A 781 -15.75 11.40 26.35
C SER A 781 -17.15 11.82 25.82
N GLU A 782 -17.25 12.15 24.53
CA GLU A 782 -18.52 12.43 23.89
C GLU A 782 -19.24 11.12 23.50
N ASP A 783 -20.43 11.24 22.93
CA ASP A 783 -21.18 10.07 22.51
C ASP A 783 -20.45 9.34 21.37
N GLU A 784 -20.54 8.01 21.36
CA GLU A 784 -19.90 7.19 20.33
C GLU A 784 -20.22 7.68 18.90
N SER A 785 -21.41 8.31 18.72
CA SER A 785 -21.86 8.85 17.42
C SER A 785 -21.00 10.01 16.88
N LYS A 786 -20.11 10.53 17.72
CA LYS A 786 -19.25 11.66 17.38
C LYS A 786 -17.81 11.26 17.11
N TRP A 787 -17.44 9.99 17.40
CA TRP A 787 -16.05 9.59 17.31
C TRP A 787 -15.78 8.17 16.81
N VAL A 788 -16.71 7.25 17.00
CA VAL A 788 -16.38 5.84 16.75
C VAL A 788 -16.14 5.60 15.26
N GLU A 789 -17.06 6.07 14.43
CA GLU A 789 -16.94 5.86 13.00
C GLU A 789 -15.66 6.51 12.42
N GLU A 790 -15.30 7.68 12.95
CA GLU A 790 -14.05 8.37 12.61
C GLU A 790 -12.83 7.46 12.90
N LEU A 791 -12.86 6.79 14.05
CA LEU A 791 -11.79 5.86 14.40
C LEU A 791 -11.75 4.67 13.42
N MET A 792 -12.92 4.13 13.12
CA MET A 792 -12.98 2.98 12.24
C MET A 792 -12.43 3.32 10.86
N LYS A 793 -12.81 4.49 10.36
CA LYS A 793 -12.30 5.02 9.09
C LYS A 793 -10.78 5.13 9.06
N MET A 794 -10.18 5.63 10.14
CA MET A 794 -8.73 5.74 10.27
CA MET A 794 -8.71 5.73 10.22
C MET A 794 -8.06 4.35 10.13
N HIS A 795 -8.77 3.33 10.62
CA HIS A 795 -8.25 1.94 10.64
C HIS A 795 -8.86 1.04 9.57
N THR A 796 -9.28 1.67 8.46
CA THR A 796 -9.69 0.98 7.27
C THR A 796 -8.55 0.06 6.79
N ALA A 797 -8.91 -1.06 6.15
CA ALA A 797 -7.90 -2.06 5.79
C ALA A 797 -8.28 -2.78 4.49
N ARG A 798 -7.30 -3.44 3.89
CA ARG A 798 -7.56 -4.34 2.73
C ARG A 798 -7.83 -5.70 3.28
N VAL A 799 -8.65 -6.48 2.58
CA VAL A 799 -8.81 -7.87 2.97
C VAL A 799 -7.44 -8.58 3.04
N ARG A 800 -6.54 -8.27 2.10
CA ARG A 800 -5.23 -8.86 2.09
C ARG A 800 -4.44 -8.58 3.40
N ASP A 801 -4.64 -7.40 3.99
CA ASP A 801 -3.95 -7.08 5.26
C ASP A 801 -4.43 -8.05 6.34
N ILE A 802 -5.74 -8.29 6.35
CA ILE A 802 -6.35 -9.21 7.31
C ILE A 802 -5.85 -10.64 7.06
N GLU A 803 -5.69 -10.99 5.79
CA GLU A 803 -5.17 -12.33 5.47
C GLU A 803 -3.78 -12.57 6.06
N HIS A 804 -2.90 -11.58 5.89
CA HIS A 804 -1.53 -11.70 6.44
C HIS A 804 -1.60 -11.90 7.95
N LEU A 805 -2.46 -11.11 8.61
CA LEU A 805 -2.56 -11.06 10.04
C LEU A 805 -3.22 -12.26 10.65
N THR A 806 -3.94 -13.07 9.86
CA THR A 806 -4.72 -14.19 10.41
C THR A 806 -4.35 -15.56 9.82
N GLY A 807 -3.62 -15.58 8.70
CA GLY A 807 -3.32 -16.84 7.99
C GLY A 807 -4.56 -17.46 7.41
N LEU A 808 -5.59 -16.63 7.18
CA LEU A 808 -6.85 -17.08 6.53
C LEU A 808 -6.90 -16.65 5.08
N ASP A 809 -7.66 -17.37 4.27
CA ASP A 809 -7.82 -16.99 2.87
C ASP A 809 -9.32 -16.93 2.57
N PHE A 810 -9.82 -15.75 2.21
CA PHE A 810 -11.26 -15.47 2.09
C PHE A 810 -11.72 -15.59 0.63
N TYR A 811 -13.04 -15.47 0.41
CA TYR A 811 -13.64 -15.54 -0.95
C TYR A 811 -13.24 -16.77 -1.77
N ARG A 812 -13.21 -17.94 -1.12
CA ARG A 812 -12.80 -19.19 -1.79
C ARG A 812 -13.85 -19.73 -2.76
N LYS A 813 -15.11 -19.42 -2.53
CA LYS A 813 -16.22 -19.97 -3.35
C LYS A 813 -17.11 -18.86 -3.79
N THR A 814 -16.80 -18.29 -4.93
CA THR A 814 -17.64 -17.24 -5.50
C THR A 814 -17.83 -17.58 -6.96
N SER A 815 -18.70 -16.82 -7.63
CA SER A 815 -18.83 -17.02 -9.07
C SER A 815 -17.87 -16.13 -9.88
N ARG A 816 -16.93 -15.43 -9.23
CA ARG A 816 -16.04 -14.47 -9.89
C ARG A 816 -14.69 -15.07 -10.26
N SER A 817 -13.98 -14.50 -11.24
CA SER A 817 -12.66 -15.03 -11.61
C SER A 817 -11.65 -14.70 -10.46
N TYR A 818 -10.60 -15.49 -10.36
CA TYR A 818 -9.73 -15.39 -9.21
C TYR A 818 -8.96 -14.06 -9.27
N SER A 819 -8.58 -13.65 -10.49
CA SER A 819 -7.95 -12.36 -10.69
C SER A 819 -8.78 -11.22 -10.18
N GLU A 820 -10.08 -11.28 -10.45
CA GLU A 820 -11.01 -10.28 -9.94
C GLU A 820 -11.12 -10.27 -8.42
N ILE A 821 -11.13 -11.46 -7.83
CA ILE A 821 -11.12 -11.62 -6.38
C ILE A 821 -9.81 -11.04 -5.79
N LEU A 822 -8.69 -11.29 -6.45
CA LEU A 822 -7.42 -10.71 -5.98
C LEU A 822 -7.43 -9.17 -5.94
N THR A 823 -7.98 -8.55 -6.98
CA THR A 823 -8.22 -7.11 -7.01
C THR A 823 -9.14 -6.69 -5.86
N LEU A 824 -10.21 -7.43 -5.62
CA LEU A 824 -11.11 -7.13 -4.51
C LEU A 824 -10.37 -7.20 -3.16
N LYS A 825 -9.49 -8.20 -3.01
CA LYS A 825 -8.76 -8.39 -1.73
C LYS A 825 -7.73 -7.27 -1.48
N THR A 826 -7.28 -6.64 -2.55
CA THR A 826 -6.34 -5.49 -2.42
C THR A 826 -7.01 -4.14 -2.30
N TYR A 827 -8.31 -4.07 -2.59
CA TYR A 827 -9.09 -2.83 -2.42
C TYR A 827 -8.99 -2.21 -1.01
N LEU A 828 -8.80 -0.88 -0.97
CA LEU A 828 -8.87 -0.15 0.29
C LEU A 828 -9.98 0.88 0.20
N HIS A 829 -10.93 0.86 1.14
CA HIS A 829 -11.94 1.92 1.21
C HIS A 829 -11.35 3.10 1.98
N THR A 830 -11.15 4.24 1.31
N THR A 830 -11.05 4.18 1.25
CA THR A 830 -10.28 5.32 1.84
CA THR A 830 -10.72 5.40 1.90
C THR A 830 -10.98 6.46 2.67
C THR A 830 -11.98 6.24 1.87
N TYR A 831 -12.25 6.73 2.37
N TYR A 831 -12.10 7.08 2.86
CA TYR A 831 -13.02 7.76 3.10
CA TYR A 831 -13.28 7.88 2.98
C TYR A 831 -12.55 9.21 2.88
C TYR A 831 -12.98 9.30 2.52
N GLU A 832 -11.88 9.43 1.76
CA GLU A 832 -11.49 10.74 1.25
C GLU A 832 -12.59 11.15 0.26
N SER A 833 -12.84 12.45 0.14
CA SER A 833 -13.81 12.91 -0.87
C SER A 833 -13.29 12.71 -2.33
N GLU A 834 -14.10 13.16 -3.30
CA GLU A 834 -13.97 12.74 -4.72
C GLU A 834 -12.61 13.11 -5.38
C1 NAG B . 6.39 -8.11 2.70
C2 NAG B . 5.91 -8.90 3.89
C3 NAG B . 7.14 -9.40 4.69
C4 NAG B . 8.14 -10.17 3.81
C5 NAG B . 8.42 -9.44 2.48
C6 NAG B . 9.23 -10.30 1.50
C7 NAG B . 3.75 -8.43 4.93
C8 NAG B . 2.95 -7.56 5.87
N2 NAG B . 5.03 -8.10 4.74
O3 NAG B . 6.71 -10.29 5.74
O4 NAG B . 9.39 -10.17 4.53
O5 NAG B . 7.18 -9.04 1.91
O6 NAG B . 8.55 -11.57 1.27
O7 NAG B . 3.21 -9.41 4.38
C1 NAG B . 9.93 -11.48 4.69
C2 NAG B . 11.43 -11.29 4.91
C3 NAG B . 12.07 -12.64 5.19
C4 NAG B . 11.43 -13.32 6.41
C5 NAG B . 9.88 -13.39 6.29
C6 NAG B . 9.22 -13.70 7.65
C7 NAG B . 12.27 -9.31 3.62
C8 NAG B . 12.95 -8.92 2.33
N2 NAG B . 12.05 -10.63 3.77
O3 NAG B . 13.46 -12.37 5.43
O4 NAG B . 11.98 -14.65 6.64
O5 NAG B . 9.34 -12.12 5.81
O6 NAG B . 9.32 -12.57 8.56
O7 NAG B . 11.96 -8.47 4.45
C1 BMA B . 13.00 -14.66 7.69
C2 BMA B . 12.97 -16.00 8.43
C3 BMA B . 14.21 -16.24 9.33
C4 BMA B . 15.53 -15.97 8.55
C5 BMA B . 15.53 -14.60 7.87
C6 BMA B . 16.69 -14.50 6.89
O2 BMA B . 12.81 -17.05 7.47
O3 BMA B . 14.22 -17.57 9.91
O4 BMA B . 16.68 -16.03 9.40
O5 BMA B . 14.30 -14.33 7.15
O6 BMA B . 16.53 -13.23 6.26
C1 MAN B . 17.64 -12.79 5.45
C2 MAN B . 17.73 -11.25 5.53
C3 MAN B . 16.67 -10.55 4.63
C4 MAN B . 16.74 -11.11 3.19
C5 MAN B . 16.58 -12.65 3.19
C6 MAN B . 16.58 -13.33 1.80
O2 MAN B . 19.05 -10.77 5.24
O3 MAN B . 16.77 -9.11 4.59
O4 MAN B . 15.77 -10.46 2.37
O5 MAN B . 17.57 -13.25 4.07
O6 MAN B . 17.70 -13.00 0.96
C1 MAN B . 16.35 -8.39 5.80
C2 MAN B . 15.56 -7.10 5.44
C3 MAN B . 16.49 -6.11 4.70
C4 MAN B . 17.81 -5.83 5.46
C5 MAN B . 18.41 -7.05 6.18
C6 MAN B . 19.26 -6.56 7.35
O2 MAN B . 15.05 -6.46 6.63
O3 MAN B . 15.81 -4.88 4.42
O4 MAN B . 18.77 -5.25 4.57
O5 MAN B . 17.43 -8.01 6.68
O6 MAN B . 19.70 -7.68 8.12
C1 MAN B . 13.65 -6.72 6.95
C2 MAN B . 13.20 -5.66 7.97
C3 MAN B . 13.64 -6.02 9.40
C4 MAN B . 13.47 -7.49 9.81
C5 MAN B . 13.93 -8.45 8.71
C6 MAN B . 13.62 -9.92 9.05
O2 MAN B . 11.77 -5.48 7.94
O3 MAN B . 12.95 -5.17 10.32
O4 MAN B . 14.21 -7.75 11.01
O5 MAN B . 13.38 -8.07 7.42
O6 MAN B . 14.31 -10.79 8.14
C1 MAN B . 13.77 -17.66 11.30
C2 MAN B . 14.58 -18.73 12.09
C3 MAN B . 14.03 -20.17 12.02
C4 MAN B . 12.49 -20.27 12.01
C5 MAN B . 11.89 -19.19 11.09
C6 MAN B . 10.37 -19.29 10.91
O2 MAN B . 14.68 -18.35 13.48
O3 MAN B . 14.49 -20.97 13.12
O4 MAN B . 12.10 -21.58 11.58
O5 MAN B . 12.34 -17.86 11.47
O6 MAN B . 10.11 -20.07 9.73
C1 MAN B . 16.04 -18.06 13.88
C2 MAN B . 16.36 -18.75 15.21
C3 MAN B . 15.49 -18.10 16.33
C4 MAN B . 15.62 -16.56 16.35
C5 MAN B . 15.44 -15.95 14.96
C6 MAN B . 15.72 -14.43 14.91
O2 MAN B . 17.78 -18.64 15.46
O3 MAN B . 15.68 -18.66 17.63
O4 MAN B . 14.63 -16.06 17.26
O5 MAN B . 16.27 -16.64 13.99
O6 MAN B . 17.13 -14.17 14.84
C10 Y2L C . 13.88 6.28 -10.48
C11 Y2L C . 14.97 5.89 -9.63
O12 Y2L C . 16.01 6.67 -9.30
C13 Y2L C . 16.04 7.94 -9.86
C16 Y2L C . 18.43 9.96 -7.84
C20 Y2L C . 16.34 8.99 -6.81
C23 Y2L C . 15.58 5.15 -5.03
C26 Y2L C . 15.43 6.01 -3.86
C1 Y2L C . 16.23 4.13 -8.34
C2 Y2L C . 15.03 4.64 -9.06
C3 Y2L C . 14.00 3.74 -9.30
C4 Y2L C . 12.95 4.12 -10.11
C5 Y2L C . 11.84 3.15 -10.37
F6 Y2L C . 11.75 2.79 -11.64
F7 Y2L C . 11.94 2.01 -9.66
F8 Y2L C . 10.63 3.62 -10.12
C9 Y2L C . 12.87 5.37 -10.71
C14 Y2L C . 17.16 8.74 -9.29
N15 Y2L C . 17.25 9.20 -7.94
N17 Y2L C . 18.97 9.90 -9.14
N18 Y2L C . 18.23 9.17 -10.01
O19 Y2L C . 18.84 10.53 -6.85
N21 Y2L C . 15.88 4.28 -6.96
N22 Y2L C . 16.00 5.51 -6.28
N24 Y2L C . 15.24 3.76 -5.01
N25 Y2L C . 15.42 3.26 -6.18
C10 Y2L D . 23.59 4.86 -6.36
C11 Y2L D . 23.71 3.77 -5.46
O12 Y2L D . 24.37 2.63 -5.77
C23 Y2L D . 20.92 0.19 -3.96
C26 Y2L D . 19.71 -0.49 -4.47
C1 Y2L D . 23.27 2.80 -3.06
C2 Y2L D . 23.12 3.84 -4.13
C3 Y2L D . 22.38 4.99 -3.79
C4 Y2L D . 22.24 6.05 -4.71
C5 Y2L D . 21.37 7.25 -4.39
F6 Y2L D . 20.06 7.02 -4.60
F7 Y2L D . 21.42 7.58 -3.08
F8 Y2L D . 21.63 8.38 -5.11
C9 Y2L D . 22.86 6.00 -5.98
N21 Y2L D . 22.49 1.56 -3.35
N22 Y2L D . 21.22 1.54 -3.94
N24 Y2L D . 22.01 -0.56 -3.40
N25 Y2L D . 22.91 0.28 -3.04
CL CL E . 11.73 11.20 6.50
C ACT F . -4.48 13.60 7.37
O ACT F . -5.48 12.86 7.17
OXT ACT F . -4.53 14.84 7.19
CH3 ACT F . -3.21 12.97 7.86
K K G . -13.05 -8.08 34.32
ZN ZN H . 9.80 16.57 -2.54
NA NA I . -9.86 10.20 24.46
CA CA J . 3.17 -11.14 14.15
#